data_7ERL
#
_entry.id   7ERL
#
_cell.length_a   73.790
_cell.length_b   103.585
_cell.length_c   167.768
_cell.angle_alpha   90.000
_cell.angle_beta   90.000
_cell.angle_gamma   90.000
#
_symmetry.space_group_name_H-M   'P 21 21 21'
#
loop_
_entity.id
_entity.type
_entity.pdbx_description
1 polymer Beta-xylanase
2 non-polymer '2-(N-MORPHOLINO)-ETHANESULFONIC ACID'
3 water water
#
_entity_poly.entity_id   1
_entity_poly.type   'polypeptide(L)'
_entity_poly.pdbx_seq_one_letter_code
;VKGAPVFSQVVYQGNDRVYSENPLSPGEFYNPILQGCYPDPSITRKGDDYFLVCSSFAMFPGVPIFHSKDLVNWTQIGHV
LDRTSQLKVHDTGISAGVYAPAIKYNPNNDTFYMITTQFAGGFGNIIVKSKDPFKGWSDPIKLNFDGIDPSIFFDDNGKA
YVVHNDGPRRGEELYNGHRVIKIWEYDVENDQVIPGTDQVIVNGGVDLSKKPIWIEAPHIYKKDGRYYLMCAEGGTGGWH
SEVIFVSDNPKGPFIPAPSNPDLSQRYLDHNRKNMVDWAGHADLVEGPDGKYYGVFLAIRPNEKGRVNIGRETFILPVDW
SGEFPVFENGLIPMEPKLKTPAGVENKTGKDGYFPNGNFTFTENFTSPQLDYRWIGLRGPREEFISILKDGGLQVTPFPV
NIKEVKPTSTLFYRQQHNNFSFTTTLNYTPKTEKDLAGITCVQSENFNYVFGLMKQDKDFHMVLAKTEKGNTRLLASAKV
DMKNPIRLQVKGVGDNYDFSYSLDGNNFVLLGNTVSGDILSTNVAGGFTGCLIGLHATSANDIRV
;
_entity_poly.pdbx_strand_id   A,B
#
loop_
_chem_comp.id
_chem_comp.type
_chem_comp.name
_chem_comp.formula
MES non-polymer '2-(N-MORPHOLINO)-ETHANESULFONIC ACID' 'C6 H13 N O4 S'
#
# COMPACT_ATOMS: atom_id res chain seq x y z
N VAL A 1 -19.74 12.46 -24.36
CA VAL A 1 -21.07 12.57 -23.77
C VAL A 1 -21.66 13.95 -24.11
N LYS A 2 -22.99 14.03 -24.14
CA LYS A 2 -23.71 15.29 -24.29
C LYS A 2 -23.78 15.98 -22.93
N GLY A 3 -23.44 17.26 -22.90
CA GLY A 3 -23.38 17.95 -21.61
C GLY A 3 -22.17 17.59 -20.76
N ALA A 4 -21.11 17.04 -21.36
CA ALA A 4 -19.90 16.76 -20.63
C ALA A 4 -19.23 18.05 -20.16
N PRO A 5 -18.48 18.02 -19.06
CA PRO A 5 -17.84 19.26 -18.59
C PRO A 5 -16.81 19.77 -19.60
N VAL A 6 -16.71 21.09 -19.69
CA VAL A 6 -15.69 21.73 -20.51
C VAL A 6 -14.83 22.62 -19.62
N PHE A 7 -13.53 22.36 -19.60
CA PHE A 7 -12.56 23.19 -18.91
C PHE A 7 -11.98 24.13 -19.99
N SER A 8 -12.30 25.42 -19.89
CA SER A 8 -11.96 26.29 -21.02
C SER A 8 -10.55 26.84 -20.93
N GLN A 9 -9.97 26.85 -19.73
CA GLN A 9 -8.62 27.32 -19.57
C GLN A 9 -8.10 26.86 -18.23
N VAL A 10 -6.78 26.80 -18.13
CA VAL A 10 -6.10 26.52 -16.88
C VAL A 10 -4.94 27.51 -16.77
N VAL A 11 -4.72 28.00 -15.57
CA VAL A 11 -3.52 28.76 -15.26
C VAL A 11 -2.84 28.10 -14.07
N TYR A 12 -1.63 27.62 -14.30
CA TYR A 12 -0.75 27.17 -13.22
C TYR A 12 0.33 28.23 -13.02
N GLN A 13 0.45 28.73 -11.79
CA GLN A 13 1.43 29.75 -11.44
C GLN A 13 2.30 29.25 -10.29
N GLY A 14 3.61 29.22 -10.52
CA GLY A 14 4.56 28.90 -9.45
C GLY A 14 5.07 30.17 -8.79
N ASN A 15 5.26 30.11 -7.49
CA ASN A 15 5.64 31.33 -6.74
C ASN A 15 6.55 30.94 -5.59
N ASP A 16 7.60 30.18 -5.88
CA ASP A 16 8.51 29.74 -4.83
C ASP A 16 9.48 30.85 -4.44
N ARG A 17 9.65 31.01 -3.13
CA ARG A 17 10.45 32.07 -2.57
C ARG A 17 11.91 32.03 -3.03
N VAL A 18 12.46 30.82 -3.21
CA VAL A 18 13.88 30.71 -3.51
C VAL A 18 14.22 31.42 -4.82
N TYR A 19 13.31 31.37 -5.81
CA TYR A 19 13.65 31.98 -7.10
C TYR A 19 13.54 33.49 -7.05
N SER A 20 12.54 34.01 -6.34
CA SER A 20 12.39 35.44 -6.15
C SER A 20 13.60 36.03 -5.43
N GLU A 21 14.18 35.27 -4.51
CA GLU A 21 15.30 35.75 -3.72
C GLU A 21 16.64 35.58 -4.40
N ASN A 22 16.69 34.79 -5.46
CA ASN A 22 17.93 34.48 -6.16
C ASN A 22 17.69 34.64 -7.66
N PRO A 23 17.42 35.87 -8.12
CA PRO A 23 17.23 36.08 -9.55
C PRO A 23 18.49 35.70 -10.31
N LEU A 24 18.28 35.20 -11.53
CA LEU A 24 19.38 34.75 -12.37
C LEU A 24 20.17 35.94 -12.91
N SER A 25 21.48 35.81 -12.92
CA SER A 25 22.30 36.63 -13.80
C SER A 25 22.53 35.86 -15.09
N PRO A 26 22.97 36.53 -16.16
CA PRO A 26 23.31 35.78 -17.38
C PRO A 26 24.34 34.71 -17.08
N GLY A 27 24.21 33.56 -17.76
CA GLY A 27 25.10 32.45 -17.51
C GLY A 27 24.82 31.68 -16.23
N GLU A 28 23.60 31.74 -15.71
CA GLU A 28 23.21 30.95 -14.55
C GLU A 28 21.91 30.21 -14.83
N PHE A 29 21.71 29.09 -14.13
CA PHE A 29 20.45 28.38 -14.21
C PHE A 29 20.14 27.76 -12.86
N TYR A 30 18.86 27.47 -12.64
CA TYR A 30 18.37 26.94 -11.38
C TYR A 30 18.49 25.43 -11.30
N ASN A 31 18.69 24.95 -10.08
CA ASN A 31 18.69 23.56 -9.67
C ASN A 31 17.55 23.38 -8.67
N PRO A 32 16.63 22.42 -8.88
CA PRO A 32 16.61 21.32 -9.87
C PRO A 32 16.28 21.74 -11.30
N ILE A 33 16.80 20.99 -12.27
CA ILE A 33 16.50 21.29 -13.68
C ILE A 33 15.11 20.79 -14.06
N LEU A 34 14.59 19.76 -13.39
CA LEU A 34 13.22 19.27 -13.54
C LEU A 34 12.51 19.45 -12.18
N GLN A 35 11.63 20.45 -12.06
CA GLN A 35 10.89 20.68 -10.81
C GLN A 35 9.69 19.73 -10.71
N GLY A 36 9.36 19.33 -9.48
CA GLY A 36 8.26 18.39 -9.31
C GLY A 36 8.70 16.95 -9.55
N CYS A 37 7.71 16.06 -9.73
CA CYS A 37 7.97 14.63 -9.56
C CYS A 37 8.63 14.04 -10.80
N TYR A 38 9.96 14.06 -10.79
CA TYR A 38 10.78 13.50 -11.87
C TYR A 38 11.93 12.73 -11.23
N PRO A 39 11.64 11.56 -10.67
CA PRO A 39 12.64 10.85 -9.87
C PRO A 39 13.55 9.99 -10.73
N ASP A 40 14.59 9.46 -10.09
CA ASP A 40 15.47 8.45 -10.67
C ASP A 40 16.02 8.84 -12.04
N PRO A 41 16.64 10.02 -12.17
CA PRO A 41 17.12 10.47 -13.49
C PRO A 41 18.28 9.63 -13.97
N SER A 42 18.28 9.38 -15.28
CA SER A 42 19.35 8.72 -15.99
C SER A 42 19.59 9.51 -17.28
N ILE A 43 20.86 9.59 -17.70
CA ILE A 43 21.23 10.43 -18.84
C ILE A 43 22.24 9.70 -19.70
N THR A 44 22.18 9.96 -21.01
CA THR A 44 23.20 9.45 -21.93
C THR A 44 23.36 10.47 -23.05
N ARG A 45 24.28 10.18 -23.95
CA ARG A 45 24.70 11.14 -24.95
C ARG A 45 25.02 10.39 -26.22
N LYS A 46 24.59 10.93 -27.35
CA LYS A 46 25.10 10.53 -28.66
C LYS A 46 25.61 11.80 -29.32
N GLY A 47 26.92 11.90 -29.50
CA GLY A 47 27.47 13.11 -30.08
C GLY A 47 27.13 14.30 -29.22
N ASP A 48 26.44 15.27 -29.83
CA ASP A 48 25.99 16.49 -29.19
C ASP A 48 24.66 16.36 -28.47
N ASP A 49 24.00 15.21 -28.53
CA ASP A 49 22.60 15.10 -28.13
C ASP A 49 22.52 14.37 -26.80
N TYR A 50 21.92 15.03 -25.80
CA TYR A 50 21.73 14.44 -24.48
C TYR A 50 20.28 14.02 -24.33
N PHE A 51 20.06 12.89 -23.68
CA PHE A 51 18.70 12.39 -23.43
C PHE A 51 18.62 12.01 -21.96
N LEU A 52 17.53 12.46 -21.32
CA LEU A 52 17.33 12.35 -19.88
C LEU A 52 15.98 11.71 -19.63
N VAL A 53 15.91 10.73 -18.73
CA VAL A 53 14.68 9.99 -18.44
C VAL A 53 14.50 9.86 -16.94
N CYS A 54 13.24 9.66 -16.52
CA CYS A 54 12.86 9.56 -15.11
C CYS A 54 11.81 8.47 -14.93
N SER A 55 11.63 8.04 -13.67
CA SER A 55 10.63 7.02 -13.37
C SER A 55 9.24 7.64 -13.32
N SER A 56 8.20 6.78 -13.30
CA SER A 56 6.83 7.32 -13.42
C SER A 56 5.74 6.45 -12.79
N PHE A 57 6.07 5.24 -12.32
CA PHE A 57 5.16 4.43 -11.48
C PHE A 57 3.85 4.19 -12.23
N ALA A 58 2.70 4.65 -11.73
CA ALA A 58 1.45 4.33 -12.40
C ALA A 58 0.98 5.44 -13.36
N MET A 59 1.79 6.47 -13.58
CA MET A 59 1.36 7.55 -14.46
C MET A 59 1.40 7.08 -15.90
N PHE A 60 0.50 7.61 -16.72
CA PHE A 60 0.42 7.28 -18.15
C PHE A 60 0.49 8.56 -18.98
N PRO A 61 1.47 8.69 -19.89
CA PRO A 61 2.49 7.71 -20.25
C PRO A 61 3.67 7.66 -19.28
N GLY A 62 4.63 6.77 -19.54
CA GLY A 62 5.68 6.48 -18.58
C GLY A 62 7.06 6.83 -19.11
N VAL A 63 7.98 7.09 -18.18
CA VAL A 63 9.38 7.41 -18.45
C VAL A 63 9.41 8.67 -19.31
N PRO A 64 9.09 9.84 -18.76
CA PRO A 64 9.25 11.09 -19.52
C PRO A 64 10.70 11.23 -19.97
N ILE A 65 10.90 11.73 -21.19
CA ILE A 65 12.22 11.84 -21.76
C ILE A 65 12.41 13.25 -22.31
N PHE A 66 13.61 13.80 -22.08
CA PHE A 66 13.94 15.19 -22.39
C PHE A 66 15.22 15.18 -23.22
N HIS A 67 15.29 16.10 -24.18
CA HIS A 67 16.47 16.25 -25.02
C HIS A 67 17.11 17.61 -24.80
N SER A 68 18.44 17.63 -24.85
CA SER A 68 19.18 18.88 -24.70
C SER A 68 20.48 18.78 -25.48
N LYS A 69 20.97 19.95 -25.91
CA LYS A 69 22.32 20.07 -26.42
C LYS A 69 23.29 20.68 -25.41
N ASP A 70 22.81 21.14 -24.26
CA ASP A 70 23.68 21.92 -23.38
C ASP A 70 23.49 21.67 -21.89
N LEU A 71 22.59 20.77 -21.48
CA LEU A 71 22.33 20.35 -20.10
C LEU A 71 21.55 21.40 -19.32
N VAL A 72 21.24 22.53 -19.91
CA VAL A 72 20.48 23.60 -19.27
C VAL A 72 19.08 23.72 -19.88
N ASN A 73 19.01 23.72 -21.21
CA ASN A 73 17.78 23.93 -21.95
C ASN A 73 17.28 22.56 -22.43
N TRP A 74 16.18 22.10 -21.84
CA TRP A 74 15.64 20.77 -22.10
C TRP A 74 14.32 20.89 -22.84
N THR A 75 14.11 20.01 -23.81
CA THR A 75 12.86 19.88 -24.52
C THR A 75 12.29 18.52 -24.19
N GLN A 76 11.08 18.49 -23.63
CA GLN A 76 10.44 17.19 -23.42
C GLN A 76 10.00 16.68 -24.78
N ILE A 77 10.60 15.57 -25.22
CA ILE A 77 10.24 15.03 -26.53
C ILE A 77 9.14 13.99 -26.44
N GLY A 78 8.70 13.64 -25.23
CA GLY A 78 7.61 12.72 -25.06
C GLY A 78 7.82 11.80 -23.87
N HIS A 79 7.52 10.52 -24.07
CA HIS A 79 7.70 9.49 -23.05
C HIS A 79 8.20 8.23 -23.75
N VAL A 80 9.11 7.52 -23.09
CA VAL A 80 9.69 6.32 -23.70
C VAL A 80 8.64 5.21 -23.79
N LEU A 81 7.84 5.06 -22.74
CA LEU A 81 6.81 4.03 -22.67
C LEU A 81 5.49 4.75 -22.89
N ASP A 82 5.12 4.96 -24.17
CA ASP A 82 3.96 5.81 -24.41
C ASP A 82 2.81 5.08 -25.08
N ARG A 83 2.87 3.75 -25.16
CA ARG A 83 1.83 2.92 -25.76
C ARG A 83 1.37 1.89 -24.77
N THR A 84 0.11 1.46 -24.86
CA THR A 84 -0.40 0.45 -23.94
C THR A 84 0.27 -0.91 -24.15
N SER A 85 0.94 -1.14 -25.27
CA SER A 85 1.74 -2.36 -25.41
C SER A 85 3.04 -2.29 -24.61
N GLN A 86 3.48 -1.08 -24.23
CA GLN A 86 4.67 -0.89 -23.41
C GLN A 86 4.37 -0.65 -21.94
N LEU A 87 3.14 -0.25 -21.61
CA LEU A 87 2.85 0.30 -20.29
C LEU A 87 1.46 -0.18 -19.91
N LYS A 88 1.40 -1.06 -18.91
CA LYS A 88 0.14 -1.76 -18.63
C LYS A 88 -0.31 -1.49 -17.21
N VAL A 89 -0.58 -0.22 -16.90
CA VAL A 89 -0.77 0.21 -15.52
C VAL A 89 -2.25 0.42 -15.19
N HIS A 90 -3.15 -0.11 -16.02
CA HIS A 90 -4.60 0.00 -15.83
C HIS A 90 -5.04 -0.24 -14.39
N ASP A 91 -4.52 -1.31 -13.77
CA ASP A 91 -4.94 -1.75 -12.45
C ASP A 91 -3.83 -1.62 -11.42
N THR A 92 -2.86 -0.75 -11.64
CA THR A 92 -1.60 -0.83 -10.90
C THR A 92 -1.60 0.05 -9.66
N GLY A 93 -1.01 -0.46 -8.58
CA GLY A 93 -0.90 0.33 -7.36
C GLY A 93 -0.08 1.59 -7.57
N ILE A 94 -0.36 2.62 -6.76
CA ILE A 94 0.28 3.92 -6.93
C ILE A 94 1.79 3.86 -6.78
N SER A 95 2.31 2.81 -6.12
CA SER A 95 3.73 2.64 -5.84
C SER A 95 4.33 1.47 -6.60
N ALA A 96 3.62 0.93 -7.59
CA ALA A 96 4.14 -0.12 -8.45
C ALA A 96 4.42 0.50 -9.82
N GLY A 97 4.23 -0.26 -10.89
CA GLY A 97 4.47 0.32 -12.21
C GLY A 97 5.96 0.51 -12.49
N VAL A 98 6.28 1.62 -13.14
CA VAL A 98 7.61 1.81 -13.73
C VAL A 98 8.56 2.41 -12.70
N TYR A 99 9.58 1.63 -12.33
CA TYR A 99 10.57 2.04 -11.36
C TYR A 99 11.71 2.78 -12.07
N ALA A 100 12.87 2.88 -11.42
CA ALA A 100 13.98 3.65 -11.98
C ALA A 100 14.31 3.19 -13.40
N PRO A 101 14.43 4.11 -14.34
CA PRO A 101 14.92 3.74 -15.68
C PRO A 101 16.39 4.07 -15.83
N ALA A 102 17.05 3.40 -16.75
CA ALA A 102 18.38 3.81 -17.18
C ALA A 102 18.38 3.91 -18.69
N ILE A 103 18.97 4.98 -19.23
CA ILE A 103 19.07 5.15 -20.68
C ILE A 103 20.55 5.14 -21.04
N LYS A 104 20.89 4.35 -22.07
CA LYS A 104 22.28 4.25 -22.50
C LYS A 104 22.37 4.16 -24.01
N TYR A 105 23.20 5.00 -24.62
CA TYR A 105 23.50 4.89 -26.03
C TYR A 105 24.72 3.98 -26.22
N ASN A 106 24.60 3.02 -27.15
CA ASN A 106 25.68 2.09 -27.47
C ASN A 106 26.34 2.54 -28.77
N PRO A 107 27.53 3.12 -28.74
CA PRO A 107 28.16 3.53 -30.01
C PRO A 107 28.59 2.37 -30.87
N ASN A 108 28.75 1.17 -30.29
CA ASN A 108 29.19 0.02 -31.08
C ASN A 108 28.16 -0.40 -32.13
N ASN A 109 26.87 -0.31 -31.81
CA ASN A 109 25.83 -0.63 -32.80
C ASN A 109 24.88 0.53 -33.04
N ASP A 110 25.23 1.73 -32.57
CA ASP A 110 24.44 2.94 -32.81
C ASP A 110 23.00 2.78 -32.33
N THR A 111 22.82 2.19 -31.16
CA THR A 111 21.48 1.93 -30.65
C THR A 111 21.32 2.51 -29.24
N PHE A 112 20.17 3.14 -28.99
CA PHE A 112 19.79 3.56 -27.65
C PHE A 112 19.03 2.45 -26.95
N TYR A 113 19.29 2.28 -25.65
CA TYR A 113 18.60 1.32 -24.81
C TYR A 113 17.98 2.06 -23.63
N MET A 114 16.76 1.68 -23.27
CA MET A 114 16.17 2.10 -22.00
C MET A 114 15.76 0.84 -21.26
N ILE A 115 16.41 0.60 -20.13
CA ILE A 115 16.22 -0.61 -19.34
C ILE A 115 15.59 -0.20 -18.01
N THR A 116 14.56 -0.92 -17.59
CA THR A 116 13.85 -0.51 -16.38
C THR A 116 13.15 -1.72 -15.78
N THR A 117 12.45 -1.50 -14.67
CA THR A 117 11.60 -2.52 -14.05
C THR A 117 10.17 -2.01 -14.05
N GLN A 118 9.24 -2.79 -14.61
CA GLN A 118 7.82 -2.43 -14.63
C GLN A 118 7.05 -3.49 -13.85
N PHE A 119 6.56 -3.11 -12.67
CA PHE A 119 5.76 -4.00 -11.84
C PHE A 119 4.30 -3.88 -12.28
N ALA A 120 4.03 -4.49 -13.45
CA ALA A 120 2.73 -4.44 -14.10
C ALA A 120 2.82 -5.21 -15.41
N GLY A 121 1.71 -5.81 -15.84
CA GLY A 121 1.65 -6.44 -17.16
C GLY A 121 2.53 -7.66 -17.32
N GLY A 122 3.01 -8.23 -16.22
CA GLY A 122 3.96 -9.34 -16.31
C GLY A 122 5.34 -8.97 -16.80
N PHE A 123 5.68 -7.67 -16.88
CA PHE A 123 6.93 -7.25 -17.52
C PHE A 123 8.15 -7.50 -16.65
N GLY A 124 8.13 -7.04 -15.40
CA GLY A 124 9.36 -7.10 -14.62
C GLY A 124 10.45 -6.28 -15.28
N ASN A 125 11.67 -6.79 -15.22
CA ASN A 125 12.79 -6.10 -15.87
C ASN A 125 12.69 -6.22 -17.38
N ILE A 126 12.76 -5.07 -18.06
CA ILE A 126 12.51 -4.96 -19.49
C ILE A 126 13.51 -3.98 -20.08
N ILE A 127 13.70 -4.09 -21.39
CA ILE A 127 14.51 -3.15 -22.14
C ILE A 127 13.76 -2.83 -23.44
N VAL A 128 13.77 -1.56 -23.83
CA VAL A 128 13.26 -1.15 -25.13
C VAL A 128 14.42 -0.51 -25.87
N LYS A 129 14.30 -0.45 -27.20
CA LYS A 129 15.40 -0.03 -28.05
C LYS A 129 14.93 0.99 -29.06
N SER A 130 15.85 1.88 -29.46
CA SER A 130 15.57 2.85 -30.50
C SER A 130 16.88 3.28 -31.14
N LYS A 131 16.87 3.44 -32.47
CA LYS A 131 17.96 4.15 -33.15
C LYS A 131 17.83 5.65 -33.00
N ASP A 132 16.65 6.15 -32.64
CA ASP A 132 16.40 7.58 -32.65
C ASP A 132 15.24 7.89 -31.71
N PRO A 133 15.52 8.38 -30.50
CA PRO A 133 14.45 8.59 -29.52
C PRO A 133 13.30 9.46 -30.03
N PHE A 134 13.56 10.31 -31.03
CA PHE A 134 12.48 11.11 -31.60
C PHE A 134 11.46 10.27 -32.37
N LYS A 135 11.80 9.04 -32.73
CA LYS A 135 10.86 8.15 -33.40
C LYS A 135 10.13 7.23 -32.45
N GLY A 136 10.39 7.33 -31.15
CA GLY A 136 9.81 6.36 -30.24
C GLY A 136 10.67 5.13 -30.10
N TRP A 137 10.11 4.15 -29.42
CA TRP A 137 10.87 2.98 -28.99
C TRP A 137 10.10 1.70 -29.29
N SER A 138 10.84 0.60 -29.32
CA SER A 138 10.27 -0.72 -29.47
C SER A 138 9.36 -1.09 -28.30
N ASP A 139 8.56 -2.12 -28.52
CA ASP A 139 7.85 -2.79 -27.42
C ASP A 139 8.89 -3.42 -26.49
N PRO A 140 8.51 -3.73 -25.25
CA PRO A 140 9.51 -4.22 -24.28
C PRO A 140 9.96 -5.64 -24.57
N ILE A 141 11.23 -5.87 -24.29
CA ILE A 141 11.85 -7.18 -24.28
C ILE A 141 12.07 -7.55 -22.82
N LYS A 142 11.46 -8.65 -22.38
CA LYS A 142 11.58 -9.08 -20.99
C LYS A 142 12.96 -9.71 -20.73
N LEU A 143 13.59 -9.30 -19.64
CA LEU A 143 14.93 -9.75 -19.28
C LEU A 143 14.89 -10.70 -18.09
N ASN A 144 15.82 -11.66 -18.08
CA ASN A 144 15.73 -12.83 -17.19
C ASN A 144 16.49 -12.61 -15.88
N PHE A 145 16.09 -11.58 -15.13
CA PHE A 145 16.62 -11.41 -13.78
C PHE A 145 15.61 -10.64 -12.95
N ASP A 146 15.81 -10.70 -11.64
CA ASP A 146 14.90 -10.07 -10.70
C ASP A 146 15.57 -8.85 -10.07
N GLY A 147 14.84 -8.19 -9.19
CA GLY A 147 15.38 -6.98 -8.57
C GLY A 147 14.98 -5.74 -9.33
N ILE A 148 15.64 -4.63 -9.02
CA ILE A 148 15.28 -3.33 -9.56
C ILE A 148 16.55 -2.60 -9.98
N ASP A 149 16.35 -1.42 -10.54
CA ASP A 149 17.41 -0.51 -10.96
C ASP A 149 18.41 -1.13 -11.93
N PRO A 150 17.95 -1.76 -13.02
CA PRO A 150 18.92 -2.26 -14.00
C PRO A 150 19.59 -1.12 -14.75
N SER A 151 20.82 -1.37 -15.20
CA SER A 151 21.56 -0.43 -16.01
C SER A 151 22.39 -1.25 -16.99
N ILE A 152 22.63 -0.71 -18.17
CA ILE A 152 23.37 -1.47 -19.18
C ILE A 152 24.63 -0.71 -19.58
N PHE A 153 25.73 -1.46 -19.68
CA PHE A 153 27.07 -0.92 -19.87
C PHE A 153 27.70 -1.58 -21.10
N PHE A 154 28.26 -0.78 -21.99
CA PHE A 154 28.92 -1.27 -23.20
C PHE A 154 30.41 -0.98 -23.13
N ASP A 155 31.21 -2.05 -23.07
CA ASP A 155 32.66 -1.92 -23.00
C ASP A 155 33.25 -1.55 -24.36
N ASP A 156 34.52 -1.13 -24.36
CA ASP A 156 35.20 -0.72 -25.60
C ASP A 156 35.24 -1.85 -26.62
N ASN A 157 35.35 -3.09 -26.15
CA ASN A 157 35.39 -4.28 -26.99
C ASN A 157 34.01 -4.70 -27.49
N GLY A 158 33.01 -3.83 -27.40
CA GLY A 158 31.65 -4.16 -27.76
C GLY A 158 30.91 -5.06 -26.80
N LYS A 159 31.60 -5.69 -25.83
CA LYS A 159 30.90 -6.54 -24.87
C LYS A 159 29.98 -5.72 -23.97
N ALA A 160 28.91 -6.38 -23.51
CA ALA A 160 27.85 -5.69 -22.80
C ALA A 160 27.50 -6.40 -21.50
N TYR A 161 27.11 -5.60 -20.51
CA TYR A 161 26.81 -6.09 -19.18
C TYR A 161 25.59 -5.36 -18.64
N VAL A 162 24.80 -6.07 -17.83
CA VAL A 162 23.70 -5.46 -17.08
C VAL A 162 24.02 -5.59 -15.60
N VAL A 163 23.99 -4.45 -14.91
CA VAL A 163 24.11 -4.43 -13.46
C VAL A 163 22.74 -4.08 -12.89
N HIS A 164 22.44 -4.64 -11.73
CA HIS A 164 21.15 -4.32 -11.13
C HIS A 164 21.21 -4.60 -9.64
N ASN A 165 20.23 -4.06 -8.94
CA ASN A 165 20.04 -4.37 -7.55
C ASN A 165 19.29 -5.69 -7.43
N ASP A 166 19.61 -6.47 -6.41
CA ASP A 166 18.95 -7.73 -6.16
C ASP A 166 18.99 -7.98 -4.66
N GLY A 167 18.27 -8.99 -4.21
CA GLY A 167 18.37 -9.40 -2.83
C GLY A 167 19.51 -10.38 -2.64
N PRO A 168 19.95 -10.61 -1.41
CA PRO A 168 20.91 -11.69 -1.17
C PRO A 168 20.24 -13.04 -1.36
N ARG A 169 21.06 -14.06 -1.66
CA ARG A 169 20.53 -15.40 -1.85
C ARG A 169 19.74 -15.84 -0.62
N ARG A 170 18.72 -16.66 -0.85
CA ARG A 170 17.72 -17.00 0.17
C ARG A 170 18.37 -17.49 1.47
N GLY A 171 18.11 -16.76 2.55
CA GLY A 171 18.61 -17.14 3.86
C GLY A 171 19.92 -16.51 4.25
N GLU A 172 20.56 -15.74 3.36
CA GLU A 172 21.80 -15.05 3.70
C GLU A 172 21.59 -13.59 4.06
N GLU A 173 20.34 -13.13 4.14
CA GLU A 173 20.05 -11.75 4.45
C GLU A 173 20.44 -11.43 5.89
N LEU A 174 21.34 -10.46 6.06
CA LEU A 174 21.92 -10.15 7.36
C LEU A 174 21.15 -9.09 8.14
N TYR A 175 20.26 -8.34 7.49
CA TYR A 175 19.47 -7.29 8.14
C TYR A 175 18.43 -6.77 7.16
N ASN A 176 17.50 -5.99 7.70
CA ASN A 176 16.46 -5.37 6.88
C ASN A 176 17.07 -4.28 6.01
N GLY A 177 16.86 -4.38 4.69
CA GLY A 177 17.50 -3.49 3.74
C GLY A 177 18.82 -4.00 3.19
N HIS A 178 19.23 -5.21 3.56
CA HIS A 178 20.45 -5.79 3.05
C HIS A 178 20.25 -6.18 1.59
N ARG A 179 20.98 -5.53 0.70
CA ARG A 179 20.81 -5.71 -0.73
C ARG A 179 22.17 -5.95 -1.37
N VAL A 180 22.12 -6.24 -2.67
CA VAL A 180 23.27 -6.72 -3.41
C VAL A 180 23.26 -6.06 -4.80
N ILE A 181 24.45 -5.80 -5.35
CA ILE A 181 24.60 -5.44 -6.76
C ILE A 181 25.09 -6.66 -7.51
N LYS A 182 24.37 -7.02 -8.57
CA LYS A 182 24.64 -8.20 -9.38
C LYS A 182 24.95 -7.74 -10.80
N ILE A 183 25.89 -8.43 -11.46
CA ILE A 183 26.23 -8.13 -12.85
C ILE A 183 26.01 -9.38 -13.69
N TRP A 184 25.54 -9.19 -14.92
CA TRP A 184 25.44 -10.21 -15.94
C TRP A 184 26.20 -9.78 -17.18
N GLU A 185 26.64 -10.75 -17.98
CA GLU A 185 26.95 -10.45 -19.36
C GLU A 185 25.67 -10.46 -20.17
N TYR A 186 25.55 -9.50 -21.09
CA TYR A 186 24.34 -9.29 -21.89
C TYR A 186 24.63 -9.63 -23.34
N ASP A 187 23.80 -10.49 -23.93
CA ASP A 187 23.97 -10.85 -25.33
C ASP A 187 23.26 -9.82 -26.20
N VAL A 188 24.03 -9.03 -26.95
CA VAL A 188 23.45 -7.92 -27.71
C VAL A 188 22.68 -8.41 -28.93
N GLU A 189 22.98 -9.60 -29.44
CA GLU A 189 22.19 -10.13 -30.53
C GLU A 189 20.90 -10.78 -30.03
N ASN A 190 20.93 -11.38 -28.84
CA ASN A 190 19.76 -12.01 -28.22
C ASN A 190 18.87 -11.01 -27.52
N ASP A 191 19.44 -9.90 -27.07
CA ASP A 191 18.82 -9.00 -26.09
C ASP A 191 18.37 -9.79 -24.86
N GLN A 192 19.35 -10.43 -24.21
CA GLN A 192 19.06 -11.24 -23.05
C GLN A 192 20.34 -11.39 -22.23
N VAL A 193 20.19 -11.48 -20.91
CA VAL A 193 21.34 -11.79 -20.09
C VAL A 193 21.73 -13.25 -20.32
N ILE A 194 23.03 -13.52 -20.25
CA ILE A 194 23.57 -14.82 -20.65
C ILE A 194 23.56 -15.74 -19.43
N PRO A 195 22.87 -16.89 -19.49
CA PRO A 195 22.80 -17.78 -18.32
C PRO A 195 24.19 -18.16 -17.82
N GLY A 196 24.32 -18.26 -16.51
CA GLY A 196 25.58 -18.64 -15.90
C GLY A 196 26.64 -17.55 -15.83
N THR A 197 26.35 -16.33 -16.26
CA THR A 197 27.30 -15.23 -16.17
C THR A 197 27.02 -14.28 -15.01
N ASP A 198 26.02 -14.55 -14.18
CA ASP A 198 25.71 -13.65 -13.08
C ASP A 198 26.76 -13.75 -11.98
N GLN A 199 27.04 -12.62 -11.34
CA GLN A 199 28.01 -12.53 -10.26
C GLN A 199 27.63 -11.36 -9.36
N VAL A 200 27.63 -11.58 -8.05
CA VAL A 200 27.45 -10.48 -7.11
C VAL A 200 28.76 -9.70 -7.01
N ILE A 201 28.68 -8.39 -7.25
CA ILE A 201 29.88 -7.55 -7.20
C ILE A 201 29.90 -6.63 -5.98
N VAL A 202 28.77 -6.32 -5.37
CA VAL A 202 28.72 -5.58 -4.12
C VAL A 202 27.75 -6.29 -3.19
N ASN A 203 28.20 -6.55 -1.98
CA ASN A 203 27.35 -7.15 -0.96
C ASN A 203 27.12 -6.10 0.11
N GLY A 204 25.88 -5.64 0.24
CA GLY A 204 25.55 -4.67 1.27
C GLY A 204 25.87 -3.24 0.87
N GLY A 205 27.15 -2.94 0.68
CA GLY A 205 27.54 -1.60 0.25
C GLY A 205 29.01 -1.34 0.54
N VAL A 206 29.31 -0.06 0.77
CA VAL A 206 30.69 0.36 1.00
C VAL A 206 31.27 -0.34 2.22
N ASP A 207 30.53 -0.32 3.34
CA ASP A 207 31.02 -0.84 4.62
C ASP A 207 29.92 -1.70 5.22
N LEU A 208 29.98 -3.01 4.94
CA LEU A 208 28.92 -3.94 5.33
C LEU A 208 28.73 -3.99 6.84
N SER A 209 29.78 -3.67 7.61
CA SER A 209 29.67 -3.71 9.06
C SER A 209 28.78 -2.58 9.59
N LYS A 210 28.54 -1.55 8.79
CA LYS A 210 27.62 -0.49 9.16
C LYS A 210 26.20 -0.74 8.67
N LYS A 211 25.94 -1.93 8.14
CA LYS A 211 24.62 -2.32 7.63
C LYS A 211 24.04 -1.29 6.65
N PRO A 212 24.70 -1.04 5.53
CA PRO A 212 24.17 -0.06 4.56
C PRO A 212 22.85 -0.55 3.98
N ILE A 213 21.95 0.41 3.79
CA ILE A 213 20.59 0.16 3.33
C ILE A 213 20.55 0.27 1.81
N TRP A 214 19.93 -0.71 1.16
CA TRP A 214 19.48 -0.59 -0.23
C TRP A 214 20.57 -0.04 -1.14
N ILE A 215 21.75 -0.68 -1.12
CA ILE A 215 22.71 -0.41 -2.18
C ILE A 215 22.01 -0.67 -3.51
N GLU A 216 21.99 0.34 -4.37
CA GLU A 216 21.09 0.26 -5.51
C GLU A 216 21.55 1.25 -6.56
N ALA A 217 20.70 1.45 -7.58
CA ALA A 217 20.95 2.36 -8.69
C ALA A 217 22.36 2.21 -9.26
N PRO A 218 22.83 0.98 -9.53
CA PRO A 218 24.21 0.85 -10.03
C PRO A 218 24.37 1.35 -11.45
N HIS A 219 25.54 1.94 -11.73
CA HIS A 219 25.98 2.28 -13.07
C HIS A 219 27.46 1.95 -13.16
N ILE A 220 27.89 1.42 -14.30
CA ILE A 220 29.30 1.16 -14.55
C ILE A 220 29.80 2.20 -15.54
N TYR A 221 30.96 2.78 -15.25
CA TYR A 221 31.67 3.68 -16.15
C TYR A 221 33.08 3.16 -16.31
N LYS A 222 33.66 3.40 -17.48
CA LYS A 222 35.04 3.04 -17.75
C LYS A 222 35.81 4.33 -17.99
N LYS A 223 36.87 4.52 -17.23
CA LYS A 223 37.73 5.69 -17.45
C LYS A 223 39.17 5.30 -17.16
N ASP A 224 40.07 5.69 -18.06
CA ASP A 224 41.50 5.41 -17.91
C ASP A 224 41.75 3.92 -17.68
N GLY A 225 41.04 3.08 -18.43
CA GLY A 225 41.26 1.66 -18.37
C GLY A 225 40.68 0.93 -17.18
N ARG A 226 40.07 1.63 -16.23
CA ARG A 226 39.50 0.99 -15.05
C ARG A 226 37.97 1.08 -15.08
N TYR A 227 37.35 0.26 -14.24
CA TYR A 227 35.91 0.13 -14.20
C TYR A 227 35.38 0.70 -12.89
N TYR A 228 34.40 1.58 -12.99
CA TYR A 228 33.84 2.25 -11.83
C TYR A 228 32.39 1.84 -11.64
N LEU A 229 32.01 1.51 -10.41
CA LEU A 229 30.64 1.20 -10.08
C LEU A 229 30.14 2.28 -9.12
N MET A 230 29.20 3.09 -9.59
CA MET A 230 28.59 4.16 -8.80
C MET A 230 27.18 3.73 -8.43
N CYS A 231 26.85 3.85 -7.14
CA CYS A 231 25.59 3.34 -6.63
C CYS A 231 24.97 4.36 -5.69
N ALA A 232 23.63 4.31 -5.58
CA ALA A 232 22.95 4.92 -4.46
C ALA A 232 23.06 4.02 -3.24
N GLU A 233 23.13 4.63 -2.07
CA GLU A 233 23.20 3.86 -0.84
C GLU A 233 22.43 4.61 0.23
N GLY A 234 21.73 3.86 1.07
CA GLY A 234 20.99 4.45 2.17
C GLY A 234 19.49 4.54 1.97
N GLY A 235 18.98 4.18 0.81
CA GLY A 235 17.55 4.31 0.51
C GLY A 235 17.21 5.71 0.04
N THR A 236 16.12 5.80 -0.74
CA THR A 236 15.74 7.05 -1.39
C THR A 236 15.11 8.07 -0.44
N GLY A 237 15.25 7.88 0.87
CA GLY A 237 14.74 8.85 1.83
C GLY A 237 15.86 9.59 2.54
N GLY A 238 15.69 9.77 3.86
CA GLY A 238 16.53 10.67 4.64
C GLY A 238 18.02 10.33 4.63
N TRP A 239 18.38 9.06 4.38
CA TRP A 239 19.76 8.63 4.40
C TRP A 239 20.35 8.45 2.99
N HIS A 240 19.69 9.00 1.97
CA HIS A 240 20.13 8.83 0.59
C HIS A 240 21.53 9.37 0.39
N SER A 241 22.31 8.68 -0.45
CA SER A 241 23.64 9.16 -0.83
C SER A 241 24.05 8.45 -2.11
N GLU A 242 25.19 8.87 -2.65
CA GLU A 242 25.85 8.18 -3.75
C GLU A 242 27.24 7.77 -3.30
N VAL A 243 27.62 6.54 -3.64
CA VAL A 243 28.92 5.96 -3.32
C VAL A 243 29.57 5.44 -4.60
N ILE A 244 30.88 5.21 -4.54
CA ILE A 244 31.63 4.78 -5.72
C ILE A 244 32.62 3.68 -5.35
N PHE A 245 32.76 2.71 -6.26
CA PHE A 245 33.72 1.60 -6.19
C PHE A 245 34.55 1.57 -7.48
N VAL A 246 35.69 0.88 -7.43
CA VAL A 246 36.56 0.74 -8.60
C VAL A 246 37.10 -0.69 -8.69
N SER A 247 37.33 -1.14 -9.91
CA SER A 247 37.87 -2.47 -10.18
C SER A 247 38.67 -2.42 -11.47
N ASP A 248 39.54 -3.42 -11.65
CA ASP A 248 40.25 -3.60 -12.90
C ASP A 248 39.45 -4.42 -13.92
N ASN A 249 38.33 -5.01 -13.50
CA ASN A 249 37.54 -5.95 -14.30
C ASN A 249 36.07 -5.57 -14.21
N PRO A 250 35.31 -5.68 -15.32
CA PRO A 250 33.87 -5.40 -15.24
C PRO A 250 33.14 -6.18 -14.16
N LYS A 251 33.59 -7.38 -13.84
CA LYS A 251 32.92 -8.22 -12.87
C LYS A 251 33.67 -8.31 -11.55
N GLY A 252 34.53 -7.33 -11.26
CA GLY A 252 35.10 -7.21 -9.95
C GLY A 252 36.45 -7.88 -9.81
N PRO A 253 36.97 -7.96 -8.56
CA PRO A 253 36.34 -7.45 -7.34
C PRO A 253 36.36 -5.92 -7.30
N PHE A 254 35.28 -5.33 -6.80
CA PHE A 254 35.14 -3.89 -6.72
C PHE A 254 35.51 -3.44 -5.32
N ILE A 255 36.34 -2.41 -5.23
CA ILE A 255 36.84 -1.88 -3.97
C ILE A 255 36.22 -0.50 -3.75
N PRO A 256 35.66 -0.21 -2.59
CA PRO A 256 35.10 1.13 -2.36
C PRO A 256 36.19 2.18 -2.28
N ALA A 257 35.91 3.36 -2.83
CA ALA A 257 36.77 4.50 -2.65
C ALA A 257 36.90 4.83 -1.16
N PRO A 258 38.07 5.29 -0.72
CA PRO A 258 38.19 5.66 0.71
C PRO A 258 37.27 6.80 1.11
N SER A 259 37.08 7.78 0.23
CA SER A 259 36.15 8.88 0.49
C SER A 259 34.77 8.46 -0.01
N ASN A 260 33.82 8.31 0.90
CA ASN A 260 32.48 7.84 0.57
C ASN A 260 31.56 8.27 1.70
N PRO A 261 30.37 8.79 1.42
CA PRO A 261 29.78 8.97 0.08
C PRO A 261 30.41 10.14 -0.69
N ASP A 262 30.13 10.26 -1.99
CA ASP A 262 30.59 11.41 -2.76
C ASP A 262 29.47 12.39 -3.07
N LEU A 263 28.23 12.08 -2.68
CA LEU A 263 27.11 13.00 -2.86
C LEU A 263 26.09 12.68 -1.78
N SER A 264 25.69 13.70 -1.02
CA SER A 264 24.66 13.51 -0.01
C SER A 264 24.32 14.83 0.66
N GLN A 265 23.08 14.96 1.11
CA GLN A 265 22.72 16.04 2.03
C GLN A 265 22.38 15.48 3.41
N ARG A 266 22.59 14.19 3.65
CA ARG A 266 22.05 13.55 4.84
C ARG A 266 22.75 13.97 6.13
N TYR A 267 23.95 14.55 6.05
CA TYR A 267 24.66 14.96 7.24
C TYR A 267 24.44 16.42 7.60
N LEU A 268 23.71 17.16 6.77
CA LEU A 268 23.63 18.61 6.89
C LEU A 268 22.63 18.99 7.97
N ASP A 269 22.71 20.25 8.41
CA ASP A 269 21.88 20.69 9.52
C ASP A 269 20.40 20.70 9.15
N HIS A 270 19.57 20.10 10.01
CA HIS A 270 18.16 19.91 9.67
C HIS A 270 17.36 21.21 9.64
N ASN A 271 17.96 22.37 9.92
CA ASN A 271 17.21 23.62 9.92
C ASN A 271 17.75 24.61 8.90
N ARG A 272 18.55 24.15 7.93
CA ARG A 272 19.06 25.05 6.91
C ARG A 272 17.93 25.62 6.06
N LYS A 273 18.21 26.75 5.41
CA LYS A 273 17.28 27.34 4.46
C LYS A 273 17.52 26.76 3.07
N ASN A 274 16.47 26.80 2.25
CA ASN A 274 16.51 26.24 0.90
C ASN A 274 16.94 24.77 0.94
N MET A 275 16.32 24.03 1.85
CA MET A 275 16.76 22.67 2.16
C MET A 275 16.55 21.74 0.97
N VAL A 276 17.61 20.99 0.65
CA VAL A 276 17.57 19.92 -0.33
C VAL A 276 17.96 18.64 0.41
N ASP A 277 17.10 17.63 0.33
CA ASP A 277 17.28 16.43 1.14
C ASP A 277 17.13 15.19 0.26
N TRP A 278 17.50 14.04 0.83
CA TRP A 278 17.33 12.75 0.16
C TRP A 278 18.07 12.69 -1.17
N ALA A 279 19.28 13.25 -1.23
CA ALA A 279 20.03 13.34 -2.48
C ALA A 279 20.76 12.04 -2.79
N GLY A 280 20.59 11.54 -4.02
CA GLY A 280 21.21 10.30 -4.42
C GLY A 280 20.65 9.82 -5.75
N HIS A 281 21.01 8.59 -6.11
CA HIS A 281 20.56 7.97 -7.37
C HIS A 281 21.05 8.78 -8.56
N ALA A 282 22.37 8.84 -8.70
CA ALA A 282 23.01 9.70 -9.69
C ALA A 282 23.39 8.92 -10.95
N ASP A 283 23.69 9.68 -12.00
CA ASP A 283 24.17 9.11 -13.26
C ASP A 283 25.06 10.14 -13.92
N LEU A 284 26.25 9.72 -14.39
CA LEU A 284 27.24 10.63 -14.95
C LEU A 284 27.18 10.68 -16.47
N VAL A 285 27.65 11.82 -17.02
CA VAL A 285 27.78 12.01 -18.46
C VAL A 285 28.85 13.07 -18.69
N GLU A 286 29.49 13.02 -19.87
CA GLU A 286 30.44 14.06 -20.23
C GLU A 286 29.70 15.23 -20.87
N GLY A 287 29.87 16.43 -20.30
CA GLY A 287 29.13 17.59 -20.73
C GLY A 287 29.72 18.21 -21.98
N PRO A 288 29.03 19.24 -22.48
CA PRO A 288 29.38 19.82 -23.78
C PRO A 288 30.66 20.64 -23.74
N ASP A 289 31.18 20.92 -22.55
CA ASP A 289 32.37 21.71 -22.34
C ASP A 289 33.57 20.85 -21.97
N GLY A 290 33.50 19.53 -22.22
CA GLY A 290 34.51 18.61 -21.76
C GLY A 290 34.41 18.21 -20.30
N LYS A 291 33.61 18.91 -19.50
CA LYS A 291 33.43 18.58 -18.08
C LYS A 291 32.41 17.45 -17.91
N TYR A 292 32.57 16.70 -16.83
CA TYR A 292 31.54 15.73 -16.45
C TYR A 292 30.43 16.41 -15.65
N TYR A 293 29.23 15.82 -15.73
CA TYR A 293 28.10 16.23 -14.92
C TYR A 293 27.41 15.00 -14.40
N GLY A 294 26.75 15.14 -13.25
CA GLY A 294 25.91 14.08 -12.73
C GLY A 294 24.49 14.56 -12.45
N VAL A 295 23.49 13.88 -13.02
CA VAL A 295 22.10 14.12 -12.63
C VAL A 295 21.82 13.27 -11.41
N PHE A 296 20.86 13.67 -10.59
CA PHE A 296 20.48 12.87 -9.42
C PHE A 296 19.15 13.38 -8.91
N LEU A 297 18.53 12.60 -8.05
CA LEU A 297 17.26 13.03 -7.47
C LEU A 297 17.49 13.63 -6.08
N ALA A 298 16.54 14.47 -5.65
CA ALA A 298 16.50 14.95 -4.28
C ALA A 298 15.13 15.58 -4.06
N ILE A 299 14.86 16.00 -2.82
CA ILE A 299 13.59 16.63 -2.48
C ILE A 299 13.84 18.00 -1.84
N ARG A 300 12.78 18.81 -1.82
CA ARG A 300 12.80 20.16 -1.23
C ARG A 300 11.59 20.25 -0.32
N PRO A 301 11.73 19.82 0.94
CA PRO A 301 10.56 19.75 1.82
C PRO A 301 10.03 21.13 2.17
N ASN A 302 8.75 21.17 2.57
CA ASN A 302 8.11 22.41 2.96
C ASN A 302 8.41 22.70 4.42
N GLU A 303 7.68 23.66 4.99
CA GLU A 303 7.96 24.13 6.35
C GLU A 303 7.57 23.12 7.42
N LYS A 304 6.76 22.12 7.08
CA LYS A 304 6.48 21.03 8.00
C LYS A 304 7.43 19.85 7.81
N GLY A 305 8.47 20.02 7.00
CA GLY A 305 9.43 18.94 6.77
C GLY A 305 8.93 17.81 5.89
N ARG A 306 7.87 18.02 5.10
CA ARG A 306 7.31 17.01 4.22
C ARG A 306 7.54 17.38 2.76
N VAL A 307 7.49 16.37 1.89
CA VAL A 307 7.57 16.53 0.44
C VAL A 307 6.19 16.38 -0.17
N ASN A 308 5.72 17.42 -0.86
CA ASN A 308 4.49 17.34 -1.62
C ASN A 308 4.70 17.32 -3.14
N ILE A 309 5.89 17.67 -3.65
CA ILE A 309 6.07 17.69 -5.09
C ILE A 309 6.97 16.55 -5.56
N GLY A 310 7.24 15.56 -4.71
CA GLY A 310 7.97 14.39 -5.11
C GLY A 310 9.47 14.63 -5.23
N ARG A 311 10.15 13.60 -5.72
CA ARG A 311 11.59 13.67 -5.95
C ARG A 311 11.84 14.31 -7.32
N GLU A 312 12.77 15.27 -7.35
CA GLU A 312 13.01 16.11 -8.52
C GLU A 312 14.41 15.83 -9.07
N THR A 313 14.67 16.29 -10.30
CA THR A 313 15.93 16.00 -10.95
C THR A 313 16.87 17.20 -10.84
N PHE A 314 18.01 16.97 -10.21
CA PHE A 314 19.07 17.94 -10.01
C PHE A 314 20.26 17.57 -10.89
N ILE A 315 21.17 18.53 -11.06
CA ILE A 315 22.43 18.28 -11.74
C ILE A 315 23.54 19.01 -11.03
N LEU A 316 24.74 18.43 -11.05
CA LEU A 316 25.94 19.08 -10.53
C LEU A 316 27.13 18.81 -11.45
N PRO A 317 28.05 19.76 -11.58
CA PRO A 317 29.31 19.47 -12.28
C PRO A 317 30.13 18.46 -11.49
N VAL A 318 30.95 17.69 -12.20
CA VAL A 318 31.74 16.63 -11.61
C VAL A 318 33.18 16.80 -12.06
N ASP A 319 34.11 16.78 -11.10
CA ASP A 319 35.54 16.77 -11.37
C ASP A 319 36.01 15.33 -11.42
N TRP A 320 36.51 14.87 -12.56
CA TRP A 320 37.09 13.53 -12.64
C TRP A 320 38.51 13.58 -13.21
N SER A 321 39.31 14.52 -12.69
CA SER A 321 40.72 14.63 -13.05
C SER A 321 41.59 13.60 -12.33
N GLY A 322 41.08 12.99 -11.25
CA GLY A 322 41.86 12.03 -10.50
C GLY A 322 41.24 10.65 -10.55
N GLU A 323 41.54 9.82 -9.56
CA GLU A 323 41.05 8.44 -9.58
C GLU A 323 39.52 8.40 -9.50
N PHE A 324 38.92 9.23 -8.66
CA PHE A 324 37.50 9.11 -8.37
C PHE A 324 36.76 10.40 -8.69
N PRO A 325 35.50 10.30 -9.13
CA PRO A 325 34.75 11.52 -9.44
C PRO A 325 34.35 12.26 -8.17
N VAL A 326 34.41 13.57 -8.24
CA VAL A 326 34.00 14.45 -7.15
C VAL A 326 32.80 15.27 -7.62
N PHE A 327 31.66 15.11 -6.93
CA PHE A 327 30.55 16.02 -7.20
C PHE A 327 30.91 17.38 -6.63
N GLU A 328 31.03 18.39 -7.51
CA GLU A 328 31.48 19.70 -7.06
C GLU A 328 30.49 20.29 -6.07
N ASN A 329 30.93 20.44 -4.81
CA ASN A 329 30.08 20.93 -3.72
C ASN A 329 28.90 19.99 -3.45
N GLY A 330 29.06 18.71 -3.77
CA GLY A 330 28.03 17.71 -3.54
C GLY A 330 27.86 17.23 -2.11
N LEU A 331 28.66 17.73 -1.18
CA LEU A 331 28.57 17.37 0.23
C LEU A 331 28.31 18.57 1.14
N ILE A 332 28.04 19.73 0.55
CA ILE A 332 27.67 20.92 1.31
C ILE A 332 26.28 21.33 0.83
N PRO A 333 25.57 22.25 1.49
CA PRO A 333 24.19 22.55 1.07
C PRO A 333 24.11 22.97 -0.38
N MET A 334 23.16 22.37 -1.11
CA MET A 334 22.93 22.73 -2.51
C MET A 334 22.55 24.19 -2.64
N GLU A 335 23.12 24.84 -3.65
CA GLU A 335 22.77 26.21 -3.98
C GLU A 335 21.61 26.24 -4.97
N PRO A 336 20.83 27.33 -4.97
CA PRO A 336 19.73 27.44 -5.96
C PRO A 336 20.21 27.60 -7.39
N LYS A 337 21.36 28.20 -7.60
CA LYS A 337 21.84 28.55 -8.94
C LYS A 337 23.17 27.88 -9.22
N LEU A 338 23.36 27.52 -10.48
CA LEU A 338 24.63 27.03 -10.99
C LEU A 338 25.02 27.89 -12.18
N LYS A 339 26.32 27.91 -12.47
CA LYS A 339 26.78 28.51 -13.72
C LYS A 339 26.46 27.57 -14.88
N THR A 340 25.99 28.14 -15.99
CA THR A 340 25.77 27.33 -17.17
C THR A 340 27.12 26.84 -17.70
N PRO A 341 27.13 25.70 -18.42
CA PRO A 341 28.38 25.28 -19.07
C PRO A 341 28.92 26.41 -19.94
N ALA A 342 30.22 26.38 -20.22
CA ALA A 342 30.89 27.47 -20.91
C ALA A 342 30.14 27.86 -22.18
N GLY A 343 29.59 29.06 -22.17
CA GLY A 343 29.03 29.64 -23.37
C GLY A 343 27.60 29.27 -23.69
N VAL A 344 26.81 28.77 -22.74
CA VAL A 344 25.40 28.48 -23.01
C VAL A 344 24.54 29.50 -22.28
N GLU A 345 23.56 30.01 -23.00
CA GLU A 345 22.60 30.95 -22.49
C GLU A 345 21.41 30.19 -21.92
N ASN A 346 20.82 30.73 -20.86
CA ASN A 346 19.64 30.13 -20.24
C ASN A 346 18.42 30.53 -21.05
N LYS A 347 17.77 29.56 -21.70
CA LYS A 347 16.55 29.80 -22.47
C LYS A 347 15.36 29.02 -21.91
N THR A 348 15.41 28.67 -20.62
CA THR A 348 14.34 27.84 -20.04
C THR A 348 12.99 28.52 -20.20
N GLY A 349 11.97 27.74 -20.52
CA GLY A 349 10.64 28.27 -20.71
C GLY A 349 10.39 29.00 -22.01
N LYS A 350 11.40 29.13 -22.87
CA LYS A 350 11.21 29.77 -24.17
C LYS A 350 11.39 28.75 -25.28
N ASP A 351 10.76 29.01 -26.43
CA ASP A 351 11.01 28.25 -27.66
C ASP A 351 10.74 26.75 -27.49
N GLY A 352 9.73 26.41 -26.70
CA GLY A 352 9.45 25.01 -26.46
C GLY A 352 10.34 24.34 -25.44
N TYR A 353 11.28 25.06 -24.82
CA TYR A 353 12.10 24.49 -23.76
C TYR A 353 11.30 24.37 -22.46
N PHE A 354 11.57 23.31 -21.72
CA PHE A 354 10.93 23.09 -20.43
C PHE A 354 11.17 24.29 -19.52
N PRO A 355 10.18 24.71 -18.74
CA PRO A 355 10.36 25.91 -17.90
C PRO A 355 11.18 25.62 -16.65
N ASN A 356 11.51 26.69 -15.94
CA ASN A 356 12.07 26.58 -14.59
C ASN A 356 11.75 27.85 -13.83
N GLY A 357 12.28 27.95 -12.61
CA GLY A 357 11.97 29.09 -11.76
C GLY A 357 10.48 29.21 -11.50
N ASN A 358 10.01 30.46 -11.40
CA ASN A 358 8.61 30.76 -11.13
C ASN A 358 7.94 31.12 -12.45
N PHE A 359 7.27 30.15 -13.06
CA PHE A 359 6.66 30.37 -14.35
C PHE A 359 5.14 30.35 -14.23
N THR A 360 4.48 30.85 -15.27
CA THR A 360 3.02 30.83 -15.40
C THR A 360 2.70 30.08 -16.68
N PHE A 361 2.03 28.95 -16.54
CA PHE A 361 1.63 28.13 -17.68
C PHE A 361 0.14 28.39 -17.90
N THR A 362 -0.20 28.97 -19.04
CA THR A 362 -1.59 29.23 -19.39
C THR A 362 -2.00 28.23 -20.46
N GLU A 363 -2.99 27.40 -20.14
CA GLU A 363 -3.47 26.35 -21.03
C GLU A 363 -4.87 26.75 -21.50
N ASN A 364 -5.01 27.10 -22.78
CA ASN A 364 -6.30 27.43 -23.35
C ASN A 364 -6.89 26.30 -24.18
N PHE A 365 -6.19 25.18 -24.33
CA PHE A 365 -6.71 24.01 -25.03
C PHE A 365 -7.12 24.38 -26.46
N THR A 366 -6.13 24.87 -27.23
CA THR A 366 -6.34 25.36 -28.58
C THR A 366 -5.71 24.48 -29.64
N SER A 367 -5.14 23.34 -29.26
CA SER A 367 -4.58 22.40 -30.20
C SER A 367 -4.84 20.99 -29.72
N PRO A 368 -5.06 20.05 -30.64
CA PRO A 368 -5.18 18.64 -30.22
C PRO A 368 -3.89 18.06 -29.66
N GLN A 369 -2.73 18.62 -30.02
CA GLN A 369 -1.45 18.14 -29.47
C GLN A 369 -1.18 18.84 -28.14
N LEU A 370 -1.76 18.26 -27.09
CA LEU A 370 -1.64 18.81 -25.74
C LEU A 370 -0.22 18.67 -25.21
N ASP A 371 0.20 19.69 -24.47
CA ASP A 371 1.47 19.68 -23.75
C ASP A 371 1.74 18.33 -23.08
N TYR A 372 2.98 17.84 -23.20
CA TYR A 372 3.36 16.55 -22.61
C TYR A 372 3.21 16.50 -21.09
N ARG A 373 3.12 17.66 -20.43
CA ARG A 373 2.98 17.65 -18.98
C ARG A 373 1.59 17.21 -18.53
N TRP A 374 0.60 17.26 -19.42
CA TRP A 374 -0.73 16.77 -19.10
C TRP A 374 -0.74 15.25 -19.24
N ILE A 375 -0.98 14.55 -18.13
CA ILE A 375 -0.90 13.09 -18.13
C ILE A 375 -2.19 12.50 -17.59
N GLY A 376 -2.30 11.19 -17.72
CA GLY A 376 -3.30 10.43 -17.00
C GLY A 376 -2.65 9.68 -15.84
N LEU A 377 -3.50 9.15 -14.97
CA LEU A 377 -3.09 8.17 -13.98
C LEU A 377 -3.71 6.85 -14.40
N ARG A 378 -2.88 5.83 -14.59
CA ARG A 378 -3.28 4.46 -14.90
C ARG A 378 -3.76 4.26 -16.35
N GLY A 379 -4.14 5.31 -17.06
CA GLY A 379 -4.63 5.14 -18.41
C GLY A 379 -4.39 6.40 -19.23
N PRO A 380 -4.44 6.29 -20.56
CA PRO A 380 -4.05 7.42 -21.41
C PRO A 380 -5.09 8.52 -21.44
N ARG A 381 -4.61 9.76 -21.52
CA ARG A 381 -5.52 10.89 -21.59
C ARG A 381 -6.39 10.86 -22.85
N GLU A 382 -5.90 10.23 -23.93
CA GLU A 382 -6.66 10.18 -25.17
C GLU A 382 -7.98 9.42 -25.02
N GLU A 383 -8.17 8.66 -23.94
CA GLU A 383 -9.42 7.94 -23.77
C GLU A 383 -10.56 8.81 -23.27
N PHE A 384 -10.26 10.01 -22.76
CA PHE A 384 -11.34 10.83 -22.21
C PHE A 384 -11.30 12.31 -22.58
N ILE A 385 -10.35 12.77 -23.40
CA ILE A 385 -10.31 14.19 -23.75
C ILE A 385 -10.78 14.39 -25.18
N SER A 386 -11.40 15.54 -25.43
CA SER A 386 -11.62 16.08 -26.77
C SER A 386 -11.33 17.57 -26.73
N ILE A 387 -10.59 18.06 -27.73
CA ILE A 387 -10.32 19.48 -27.87
C ILE A 387 -11.39 20.07 -28.79
N LEU A 388 -12.17 21.02 -28.28
CA LEU A 388 -13.26 21.58 -29.07
C LEU A 388 -12.72 22.44 -30.20
N LYS A 389 -13.50 22.50 -31.28
CA LYS A 389 -13.08 23.24 -32.49
C LYS A 389 -12.70 24.68 -32.16
N ASP A 390 -13.45 25.32 -31.28
CA ASP A 390 -13.17 26.70 -30.90
C ASP A 390 -12.38 26.80 -29.60
N GLY A 391 -11.81 25.69 -29.13
CA GLY A 391 -10.99 25.77 -27.94
C GLY A 391 -11.73 25.27 -26.71
N GLY A 392 -10.97 24.69 -25.78
CA GLY A 392 -11.58 24.17 -24.57
C GLY A 392 -11.47 22.66 -24.51
N LEU A 393 -11.38 22.13 -23.29
CA LEU A 393 -11.14 20.71 -23.05
C LEU A 393 -12.44 20.06 -22.57
N GLN A 394 -13.04 19.24 -23.43
CA GLN A 394 -14.19 18.45 -23.03
C GLN A 394 -13.71 17.13 -22.44
N VAL A 395 -14.13 16.82 -21.21
CA VAL A 395 -13.73 15.60 -20.52
C VAL A 395 -14.93 14.66 -20.46
N THR A 396 -14.80 13.49 -21.06
CA THR A 396 -15.82 12.46 -20.95
C THR A 396 -15.86 11.90 -19.53
N PRO A 397 -16.95 12.06 -18.78
CA PRO A 397 -16.96 11.59 -17.39
C PRO A 397 -17.06 10.07 -17.29
N PHE A 398 -15.97 9.40 -16.91
CA PHE A 398 -16.01 7.96 -16.73
C PHE A 398 -16.87 7.63 -15.50
N PRO A 399 -17.56 6.48 -15.52
CA PRO A 399 -18.22 5.98 -14.30
C PRO A 399 -17.20 5.37 -13.35
N VAL A 400 -16.19 6.16 -12.99
CA VAL A 400 -15.08 5.73 -12.14
C VAL A 400 -14.86 6.78 -11.08
N ASN A 401 -14.96 6.38 -9.82
CA ASN A 401 -14.69 7.24 -8.68
C ASN A 401 -13.18 7.42 -8.47
N ILE A 402 -12.81 8.57 -7.88
CA ILE A 402 -11.40 8.86 -7.62
C ILE A 402 -10.75 7.80 -6.74
N LYS A 403 -11.54 7.04 -5.96
CA LYS A 403 -11.01 6.04 -5.04
C LYS A 403 -10.67 4.72 -5.72
N GLU A 404 -11.07 4.52 -6.97
CA GLU A 404 -10.89 3.23 -7.61
C GLU A 404 -9.47 3.07 -8.14
N VAL A 405 -8.98 1.84 -8.09
CA VAL A 405 -7.68 1.53 -8.68
C VAL A 405 -7.93 1.19 -10.14
N LYS A 406 -8.31 2.23 -10.90
CA LYS A 406 -8.74 2.14 -12.30
C LYS A 406 -8.44 3.48 -12.95
N PRO A 407 -8.32 3.52 -14.28
CA PRO A 407 -8.17 4.83 -14.95
C PRO A 407 -9.40 5.69 -14.74
N THR A 408 -9.18 6.89 -14.20
CA THR A 408 -10.23 7.90 -14.11
C THR A 408 -10.10 8.88 -15.27
N SER A 409 -11.19 9.57 -15.54
CA SER A 409 -11.21 10.66 -16.52
C SER A 409 -10.75 11.92 -15.80
N THR A 410 -9.42 12.01 -15.60
CA THR A 410 -8.80 13.14 -14.89
C THR A 410 -7.54 13.52 -15.66
N LEU A 411 -7.43 14.78 -16.06
CA LEU A 411 -6.22 15.27 -16.72
C LEU A 411 -5.32 15.91 -15.68
N PHE A 412 -4.16 15.32 -15.46
CA PHE A 412 -3.33 15.66 -14.30
C PHE A 412 -2.11 16.47 -14.72
N TYR A 413 -1.63 17.29 -13.80
CA TYR A 413 -0.44 18.10 -13.94
C TYR A 413 0.36 18.00 -12.64
N ARG A 414 1.67 17.66 -12.73
CA ARG A 414 2.47 17.54 -11.50
C ARG A 414 2.58 18.88 -10.79
N GLN A 415 2.34 18.88 -9.48
CA GLN A 415 2.67 20.08 -8.69
C GLN A 415 4.19 20.30 -8.75
N GLN A 416 4.61 21.47 -9.20
CA GLN A 416 6.04 21.72 -9.42
C GLN A 416 6.62 22.78 -8.49
N HIS A 417 5.83 23.31 -7.56
CA HIS A 417 6.29 24.33 -6.63
C HIS A 417 5.65 24.08 -5.27
N ASN A 418 6.37 24.43 -4.20
CA ASN A 418 5.79 24.40 -2.87
C ASN A 418 4.78 25.54 -2.66
N ASN A 419 4.92 26.65 -3.39
CA ASN A 419 3.93 27.73 -3.43
C ASN A 419 3.41 27.84 -4.85
N PHE A 420 2.11 27.63 -5.05
CA PHE A 420 1.57 27.58 -6.41
C PHE A 420 0.10 27.93 -6.36
N SER A 421 -0.45 28.26 -7.53
CA SER A 421 -1.88 28.28 -7.72
C SER A 421 -2.22 27.57 -9.02
N PHE A 422 -3.37 26.90 -9.02
CA PHE A 422 -3.87 26.15 -10.17
C PHE A 422 -5.34 26.53 -10.29
N THR A 423 -5.70 27.22 -11.37
CA THR A 423 -7.03 27.80 -11.54
C THR A 423 -7.60 27.35 -12.87
N THR A 424 -8.88 27.02 -12.88
CA THR A 424 -9.51 26.55 -14.11
C THR A 424 -10.90 27.15 -14.22
N THR A 425 -11.36 27.32 -15.45
CA THR A 425 -12.73 27.73 -15.73
C THR A 425 -13.52 26.52 -16.19
N LEU A 426 -14.64 26.25 -15.52
CA LEU A 426 -15.45 25.05 -15.76
C LEU A 426 -16.83 25.46 -16.26
N ASN A 427 -17.20 24.96 -17.44
CA ASN A 427 -18.53 25.11 -18.00
C ASN A 427 -19.22 23.75 -17.91
N TYR A 428 -20.19 23.62 -17.03
CA TYR A 428 -20.71 22.30 -16.71
C TYR A 428 -22.02 22.42 -15.95
N THR A 429 -22.99 21.58 -16.34
CA THR A 429 -24.28 21.46 -15.66
C THR A 429 -24.48 20.00 -15.28
N PRO A 430 -24.11 19.60 -14.06
CA PRO A 430 -24.38 18.22 -13.63
C PRO A 430 -25.89 17.98 -13.56
N LYS A 431 -26.30 16.74 -13.86
CA LYS A 431 -27.73 16.43 -13.93
C LYS A 431 -28.25 15.66 -12.71
N THR A 432 -27.47 14.74 -12.14
CA THR A 432 -27.87 14.02 -10.92
C THR A 432 -26.66 13.92 -9.99
N GLU A 433 -26.89 13.33 -8.80
CA GLU A 433 -25.88 13.22 -7.75
C GLU A 433 -24.64 12.46 -8.20
N LYS A 434 -24.75 11.60 -9.21
CA LYS A 434 -23.61 10.82 -9.66
C LYS A 434 -22.63 11.63 -10.47
N ASP A 435 -23.00 12.85 -10.89
CA ASP A 435 -22.16 13.69 -11.74
C ASP A 435 -21.37 14.68 -10.91
N LEU A 436 -20.06 14.71 -11.08
CA LEU A 436 -19.22 15.76 -10.48
C LEU A 436 -18.09 16.10 -11.43
N ALA A 437 -17.73 17.38 -11.49
CA ALA A 437 -16.50 17.78 -12.18
C ALA A 437 -15.85 18.92 -11.42
N GLY A 438 -14.51 18.98 -11.49
CA GLY A 438 -13.79 20.04 -10.82
C GLY A 438 -12.31 19.75 -10.72
N ILE A 439 -11.68 20.12 -9.59
CA ILE A 439 -10.24 19.93 -9.36
C ILE A 439 -10.04 18.81 -8.34
N THR A 440 -9.00 18.02 -8.55
CA THR A 440 -8.57 17.07 -7.52
C THR A 440 -7.06 17.23 -7.30
N CYS A 441 -6.63 17.07 -6.06
CA CYS A 441 -5.22 16.98 -5.69
C CYS A 441 -5.00 15.57 -5.19
N VAL A 442 -4.06 14.85 -5.80
CA VAL A 442 -3.96 13.40 -5.62
C VAL A 442 -2.52 13.01 -5.27
N GLN A 443 -2.33 12.38 -4.12
CA GLN A 443 -1.20 11.46 -3.99
C GLN A 443 -1.58 10.09 -4.55
N SER A 444 -2.70 9.54 -4.10
CA SER A 444 -3.19 8.29 -4.64
C SER A 444 -4.71 8.28 -4.56
N GLU A 445 -5.30 7.20 -5.07
CA GLU A 445 -6.73 7.00 -4.89
C GLU A 445 -7.13 6.97 -3.42
N ASN A 446 -6.19 6.71 -2.49
CA ASN A 446 -6.49 6.62 -1.07
C ASN A 446 -6.21 7.91 -0.32
N PHE A 447 -5.50 8.86 -0.94
CA PHE A 447 -5.04 10.09 -0.28
C PHE A 447 -5.22 11.23 -1.28
N ASN A 448 -6.28 12.02 -1.11
CA ASN A 448 -6.55 13.07 -2.10
C ASN A 448 -7.61 14.01 -1.56
N TYR A 449 -7.74 15.17 -2.22
CA TYR A 449 -8.88 16.07 -2.09
C TYR A 449 -9.61 16.14 -3.41
N VAL A 450 -10.93 16.27 -3.33
CA VAL A 450 -11.76 16.51 -4.51
C VAL A 450 -12.53 17.80 -4.24
N PHE A 451 -12.46 18.73 -5.19
CA PHE A 451 -13.11 20.04 -5.09
C PHE A 451 -13.95 20.22 -6.35
N GLY A 452 -15.27 20.05 -6.24
CA GLY A 452 -16.00 20.06 -7.49
C GLY A 452 -17.46 20.44 -7.40
N LEU A 453 -18.08 20.49 -8.58
CA LEU A 453 -19.46 20.91 -8.73
C LEU A 453 -20.35 19.69 -8.91
N MET A 454 -21.40 19.59 -8.10
CA MET A 454 -22.36 18.52 -8.27
C MET A 454 -23.77 19.08 -8.11
N LYS A 455 -24.76 18.23 -8.39
CA LYS A 455 -26.15 18.61 -8.23
C LYS A 455 -26.82 17.63 -7.28
N GLN A 456 -27.55 18.15 -6.30
CA GLN A 456 -28.32 17.31 -5.41
C GLN A 456 -29.66 17.97 -5.13
N ASP A 457 -30.73 17.19 -5.29
CA ASP A 457 -32.11 17.67 -5.18
C ASP A 457 -32.27 18.80 -6.19
N LYS A 458 -32.61 20.02 -5.79
CA LYS A 458 -32.87 21.06 -6.76
C LYS A 458 -31.67 21.96 -7.02
N ASP A 459 -30.59 21.81 -6.26
CA ASP A 459 -29.53 22.82 -6.21
C ASP A 459 -28.20 22.26 -6.71
N PHE A 460 -27.38 23.17 -7.23
CA PHE A 460 -25.97 22.88 -7.48
C PHE A 460 -25.18 23.22 -6.23
N HIS A 461 -24.15 22.41 -5.96
CA HIS A 461 -23.29 22.61 -4.80
C HIS A 461 -21.84 22.50 -5.21
N MET A 462 -21.02 23.36 -4.61
CA MET A 462 -19.58 23.14 -4.60
C MET A 462 -19.25 22.31 -3.38
N VAL A 463 -18.44 21.26 -3.54
CA VAL A 463 -18.10 20.39 -2.44
C VAL A 463 -16.59 20.27 -2.34
N LEU A 464 -16.11 20.12 -1.11
CA LEU A 464 -14.71 19.81 -0.85
C LEU A 464 -14.67 18.56 0.00
N ALA A 465 -14.08 17.49 -0.53
CA ALA A 465 -14.04 16.22 0.18
C ALA A 465 -12.61 15.76 0.33
N LYS A 466 -12.33 15.08 1.44
CA LYS A 466 -10.99 14.59 1.75
C LYS A 466 -11.02 13.06 1.81
N THR A 467 -10.10 12.42 1.11
CA THR A 467 -9.98 10.96 1.14
C THR A 467 -8.69 10.63 1.86
N GLU A 468 -8.80 9.80 2.92
CA GLU A 468 -7.65 9.41 3.73
C GLU A 468 -7.79 7.91 3.98
N LYS A 469 -6.75 7.14 3.65
CA LYS A 469 -6.83 5.69 3.72
C LYS A 469 -8.01 5.15 2.94
N GLY A 470 -8.38 5.82 1.85
CA GLY A 470 -9.47 5.34 1.03
C GLY A 470 -10.85 5.62 1.60
N ASN A 471 -10.94 6.53 2.57
CA ASN A 471 -12.20 6.90 3.19
C ASN A 471 -12.47 8.36 2.91
N THR A 472 -13.55 8.64 2.15
CA THR A 472 -13.90 10.00 1.74
C THR A 472 -14.85 10.64 2.75
N ARG A 473 -14.49 11.83 3.23
CA ARG A 473 -15.38 12.61 4.10
C ARG A 473 -15.61 13.97 3.49
N LEU A 474 -16.86 14.44 3.56
CA LEU A 474 -17.18 15.79 3.08
C LEU A 474 -16.69 16.80 4.11
N LEU A 475 -15.84 17.74 3.68
CA LEU A 475 -15.34 18.77 4.58
C LEU A 475 -16.24 20.00 4.61
N ALA A 476 -16.72 20.42 3.44
CA ALA A 476 -17.53 21.62 3.36
C ALA A 476 -18.28 21.60 2.05
N SER A 477 -19.40 22.32 2.03
CA SER A 477 -20.29 22.36 0.89
C SER A 477 -20.93 23.74 0.82
N ALA A 478 -21.24 24.20 -0.39
CA ALA A 478 -21.87 25.49 -0.60
C ALA A 478 -22.83 25.40 -1.76
N LYS A 479 -24.08 25.83 -1.54
CA LYS A 479 -25.00 26.00 -2.64
C LYS A 479 -24.55 27.17 -3.52
N VAL A 480 -24.53 26.96 -4.85
CA VAL A 480 -24.11 27.99 -5.80
C VAL A 480 -25.18 28.17 -6.88
N ASP A 481 -25.26 29.38 -7.41
CA ASP A 481 -26.18 29.69 -8.49
C ASP A 481 -25.42 29.60 -9.80
N MET A 482 -25.50 28.45 -10.45
CA MET A 482 -24.77 28.17 -11.68
C MET A 482 -25.50 28.86 -12.84
N LYS A 483 -25.17 30.13 -13.06
CA LYS A 483 -25.72 30.91 -14.15
C LYS A 483 -24.73 31.12 -15.29
N ASN A 484 -23.46 30.82 -15.06
CA ASN A 484 -22.39 31.00 -16.03
C ASN A 484 -21.25 30.10 -15.60
N PRO A 485 -20.20 29.96 -16.41
CA PRO A 485 -19.05 29.14 -15.98
C PRO A 485 -18.52 29.59 -14.62
N ILE A 486 -18.01 28.63 -13.87
CA ILE A 486 -17.46 28.86 -12.54
C ILE A 486 -15.95 28.67 -12.62
N ARG A 487 -15.21 29.49 -11.89
CA ARG A 487 -13.76 29.30 -11.82
C ARG A 487 -13.41 28.58 -10.53
N LEU A 488 -12.49 27.63 -10.62
CA LEU A 488 -12.06 26.87 -9.45
C LEU A 488 -10.55 27.00 -9.28
N GLN A 489 -10.09 27.14 -8.05
CA GLN A 489 -8.67 27.28 -7.77
C GLN A 489 -8.28 26.39 -6.59
N VAL A 490 -7.12 25.76 -6.69
CA VAL A 490 -6.41 25.30 -5.51
C VAL A 490 -5.12 26.13 -5.42
N LYS A 491 -4.83 26.61 -4.21
CA LYS A 491 -3.62 27.37 -3.94
C LYS A 491 -2.92 26.66 -2.81
N GLY A 492 -1.63 26.40 -3.02
CA GLY A 492 -0.79 25.80 -2.01
C GLY A 492 0.25 26.81 -1.57
N VAL A 493 0.38 26.96 -0.26
CA VAL A 493 1.47 27.73 0.33
C VAL A 493 2.13 26.77 1.32
N GLY A 494 3.14 26.04 0.85
CA GLY A 494 3.69 24.98 1.67
C GLY A 494 2.57 24.01 2.01
N ASP A 495 2.44 23.70 3.30
CA ASP A 495 1.42 22.77 3.75
C ASP A 495 0.01 23.36 3.80
N ASN A 496 -0.17 24.64 3.48
CA ASN A 496 -1.48 25.28 3.52
C ASN A 496 -2.11 25.20 2.14
N TYR A 497 -3.22 24.48 2.01
CA TYR A 497 -3.95 24.38 0.75
C TYR A 497 -5.32 25.03 0.89
N ASP A 498 -5.65 25.92 -0.06
CA ASP A 498 -6.91 26.65 -0.11
C ASP A 498 -7.66 26.29 -1.40
N PHE A 499 -8.90 25.85 -1.26
CA PHE A 499 -9.78 25.56 -2.40
C PHE A 499 -10.86 26.63 -2.46
N SER A 500 -10.93 27.34 -3.58
CA SER A 500 -11.82 28.49 -3.67
C SER A 500 -12.50 28.52 -5.04
N TYR A 501 -13.70 29.10 -5.08
CA TYR A 501 -14.46 29.18 -6.31
C TYR A 501 -14.91 30.62 -6.55
N SER A 502 -15.12 30.95 -7.81
CA SER A 502 -15.53 32.30 -8.21
C SER A 502 -16.61 32.21 -9.27
N LEU A 503 -17.79 32.72 -8.95
CA LEU A 503 -18.85 32.84 -9.95
C LEU A 503 -18.75 34.12 -10.75
N ASP A 504 -18.12 35.17 -10.22
CA ASP A 504 -17.98 36.42 -10.96
C ASP A 504 -16.64 36.54 -11.68
N GLY A 505 -15.73 35.58 -11.48
CA GLY A 505 -14.46 35.56 -12.16
C GLY A 505 -13.35 36.32 -11.47
N ASN A 506 -13.67 37.19 -10.50
CA ASN A 506 -12.66 37.94 -9.78
C ASN A 506 -12.54 37.47 -8.34
N ASN A 507 -13.64 37.47 -7.60
CA ASN A 507 -13.60 37.17 -6.17
C ASN A 507 -13.70 35.65 -5.97
N PHE A 508 -12.67 35.08 -5.38
CA PHE A 508 -12.62 33.65 -5.10
C PHE A 508 -13.00 33.43 -3.64
N VAL A 509 -14.06 32.66 -3.44
CA VAL A 509 -14.58 32.39 -2.11
C VAL A 509 -13.97 31.08 -1.62
N LEU A 510 -13.32 31.13 -0.45
CA LEU A 510 -12.82 29.90 0.15
C LEU A 510 -13.95 28.97 0.53
N LEU A 511 -13.87 27.70 0.12
CA LEU A 511 -14.83 26.70 0.55
C LEU A 511 -14.28 26.00 1.80
N GLY A 512 -15.00 26.13 2.92
CA GLY A 512 -14.48 25.61 4.17
C GLY A 512 -13.32 26.47 4.67
N ASN A 513 -12.30 25.82 5.22
CA ASN A 513 -11.12 26.48 5.74
C ASN A 513 -9.91 26.03 4.92
N THR A 514 -8.75 26.63 5.18
CA THR A 514 -7.56 26.04 4.60
C THR A 514 -7.33 24.68 5.23
N VAL A 515 -6.90 23.73 4.41
CA VAL A 515 -6.73 22.35 4.83
C VAL A 515 -5.25 22.01 4.72
N SER A 516 -4.86 20.92 5.38
CA SER A 516 -3.46 20.56 5.40
C SER A 516 -3.09 19.78 4.13
N GLY A 517 -1.88 20.03 3.62
CA GLY A 517 -1.30 19.22 2.57
C GLY A 517 -0.69 17.92 3.05
N ASP A 518 -0.97 17.51 4.29
CA ASP A 518 -0.32 16.32 4.84
C ASP A 518 -0.63 15.08 4.01
N ILE A 519 -1.91 14.88 3.64
CA ILE A 519 -2.27 13.72 2.82
C ILE A 519 -1.77 13.84 1.39
N LEU A 520 -1.24 15.00 1.01
CA LEU A 520 -0.64 15.17 -0.30
C LEU A 520 0.88 14.99 -0.29
N SER A 521 1.44 14.57 0.85
CA SER A 521 2.88 14.32 0.98
C SER A 521 3.18 12.83 0.85
N THR A 522 4.39 12.53 0.37
CA THR A 522 4.91 11.17 0.46
C THR A 522 5.04 10.72 1.91
N ASN A 523 5.35 11.66 2.82
CA ASN A 523 5.61 11.30 4.21
C ASN A 523 4.39 10.63 4.85
N VAL A 524 3.19 11.09 4.48
CA VAL A 524 1.95 10.57 5.05
C VAL A 524 1.33 9.51 4.14
N ALA A 525 1.25 9.79 2.83
CA ALA A 525 0.59 8.87 1.91
C ALA A 525 1.43 7.65 1.62
N GLY A 526 2.73 7.70 1.90
CA GLY A 526 3.64 6.66 1.46
C GLY A 526 3.92 6.81 -0.03
N GLY A 527 4.72 5.89 -0.56
CA GLY A 527 4.86 5.83 -1.99
C GLY A 527 6.07 6.57 -2.55
N PHE A 528 5.99 6.83 -3.87
CA PHE A 528 7.16 7.22 -4.66
C PHE A 528 6.91 8.47 -5.53
N THR A 529 5.83 9.21 -5.28
CA THR A 529 5.39 10.21 -6.26
C THR A 529 5.03 11.52 -5.57
N GLY A 530 4.67 12.52 -6.37
CA GLY A 530 4.27 13.82 -5.87
C GLY A 530 2.77 14.02 -5.99
N CYS A 531 2.34 15.18 -5.50
CA CYS A 531 0.96 15.59 -5.67
C CYS A 531 0.68 15.84 -7.15
N LEU A 532 -0.42 15.27 -7.65
CA LEU A 532 -0.90 15.52 -9.02
C LEU A 532 -2.14 16.38 -8.94
N ILE A 533 -2.17 17.45 -9.74
CA ILE A 533 -3.31 18.35 -9.76
C ILE A 533 -4.14 18.03 -11.00
N GLY A 534 -5.42 17.73 -10.80
CA GLY A 534 -6.24 17.11 -11.85
C GLY A 534 -7.49 17.87 -12.22
N LEU A 535 -7.76 17.91 -13.52
CA LEU A 535 -9.09 18.29 -14.03
C LEU A 535 -9.92 17.01 -14.05
N HIS A 536 -10.79 16.85 -13.06
CA HIS A 536 -11.51 15.61 -12.79
C HIS A 536 -12.97 15.70 -13.23
N ALA A 537 -13.44 14.63 -13.87
CA ALA A 537 -14.86 14.41 -14.12
C ALA A 537 -15.18 12.97 -13.74
N THR A 538 -16.40 12.77 -13.23
CA THR A 538 -16.86 11.43 -12.91
C THR A 538 -18.37 11.38 -13.10
N SER A 539 -18.87 10.22 -13.51
CA SER A 539 -20.30 9.90 -13.39
C SER A 539 -20.53 8.85 -12.31
N ALA A 540 -19.58 8.68 -11.39
CA ALA A 540 -19.70 7.76 -10.26
C ALA A 540 -19.42 8.50 -8.97
N ASN A 541 -19.88 9.76 -8.87
CA ASN A 541 -19.64 10.54 -7.67
C ASN A 541 -20.40 9.94 -6.49
N ASP A 542 -19.71 9.85 -5.34
CA ASP A 542 -20.34 9.36 -4.12
C ASP A 542 -20.51 10.42 -3.05
N ILE A 543 -20.10 11.66 -3.29
CA ILE A 543 -20.28 12.71 -2.30
C ILE A 543 -21.74 13.14 -2.27
N ARG A 544 -22.31 13.27 -1.08
CA ARG A 544 -23.67 13.79 -0.88
C ARG A 544 -23.63 14.87 0.19
N VAL A 545 -24.43 15.92 0.01
CA VAL A 545 -24.32 17.10 0.89
C VAL A 545 -25.20 16.98 2.12
N GLY B 3 -21.59 -23.37 -18.69
CA GLY B 3 -20.44 -24.21 -18.41
C GLY B 3 -19.53 -23.70 -17.29
N ALA B 4 -20.15 -23.06 -16.29
CA ALA B 4 -19.39 -22.47 -15.19
C ALA B 4 -18.67 -23.56 -14.39
N PRO B 5 -17.53 -23.23 -13.77
CA PRO B 5 -16.80 -24.25 -12.99
C PRO B 5 -17.59 -24.71 -11.79
N VAL B 6 -17.49 -26.01 -11.51
CA VAL B 6 -18.13 -26.60 -10.34
C VAL B 6 -17.04 -27.19 -9.47
N PHE B 7 -16.93 -26.69 -8.24
CA PHE B 7 -16.05 -27.29 -7.24
C PHE B 7 -16.91 -28.26 -6.45
N SER B 8 -16.66 -29.56 -6.59
CA SER B 8 -17.58 -30.55 -6.04
C SER B 8 -17.25 -30.88 -4.60
N GLN B 9 -16.02 -30.62 -4.19
CA GLN B 9 -15.61 -30.98 -2.85
C GLN B 9 -14.39 -30.14 -2.49
N VAL B 10 -14.26 -29.86 -1.20
CA VAL B 10 -13.02 -29.31 -0.64
C VAL B 10 -12.70 -30.08 0.62
N VAL B 11 -11.42 -30.38 0.83
CA VAL B 11 -10.95 -30.88 2.11
C VAL B 11 -9.83 -29.98 2.60
N TYR B 12 -10.03 -29.37 3.77
CA TYR B 12 -8.97 -28.63 4.44
C TYR B 12 -8.49 -29.47 5.63
N GLN B 13 -7.18 -29.72 5.68
CA GLN B 13 -6.58 -30.51 6.75
C GLN B 13 -5.46 -29.72 7.42
N GLY B 14 -5.60 -29.48 8.72
CA GLY B 14 -4.50 -28.89 9.48
C GLY B 14 -3.64 -29.98 10.12
N ASN B 15 -2.34 -29.73 10.15
CA ASN B 15 -1.37 -30.74 10.62
C ASN B 15 -0.19 -30.07 11.32
N ASP B 16 -0.48 -29.22 12.30
CA ASP B 16 0.58 -28.51 13.01
C ASP B 16 1.19 -29.39 14.09
N ARG B 17 2.53 -29.39 14.16
CA ARG B 17 3.21 -30.31 15.06
C ARG B 17 2.86 -30.05 16.52
N VAL B 18 2.58 -28.79 16.89
CA VAL B 18 2.33 -28.45 18.30
C VAL B 18 1.16 -29.27 18.85
N TYR B 19 0.11 -29.50 18.04
CA TYR B 19 -1.03 -30.24 18.59
C TYR B 19 -0.71 -31.73 18.68
N SER B 20 0.04 -32.25 17.72
CA SER B 20 0.46 -33.65 17.77
C SER B 20 1.31 -33.94 19.00
N GLU B 21 2.24 -33.04 19.32
CA GLU B 21 3.13 -33.23 20.45
C GLU B 21 2.47 -32.96 21.80
N ASN B 22 1.31 -32.31 21.81
CA ASN B 22 0.66 -31.92 23.05
C ASN B 22 -0.81 -32.34 23.04
N PRO B 23 -1.07 -33.65 23.02
CA PRO B 23 -2.47 -34.10 22.99
C PRO B 23 -3.21 -33.63 24.23
N LEU B 24 -4.50 -33.36 24.06
CA LEU B 24 -5.33 -32.84 25.14
C LEU B 24 -5.66 -33.94 26.15
N SER B 25 -5.64 -33.59 27.43
CA SER B 25 -6.35 -34.36 28.45
C SER B 25 -7.72 -33.73 28.69
N PRO B 26 -8.62 -34.45 29.38
CA PRO B 26 -9.90 -33.83 29.77
C PRO B 26 -9.66 -32.55 30.57
N GLY B 27 -10.54 -31.58 30.38
CA GLY B 27 -10.36 -30.30 31.04
C GLY B 27 -9.20 -29.47 30.53
N GLU B 28 -8.78 -29.68 29.28
CA GLU B 28 -7.75 -28.86 28.65
C GLU B 28 -8.25 -28.36 27.29
N PHE B 29 -7.74 -27.19 26.87
CA PHE B 29 -8.05 -26.70 25.52
C PHE B 29 -6.86 -25.92 24.99
N TYR B 30 -6.81 -25.79 23.66
CA TYR B 30 -5.67 -25.21 22.97
C TYR B 30 -5.82 -23.70 22.85
N ASN B 31 -4.67 -23.03 22.91
CA ASN B 31 -4.49 -21.59 22.69
C ASN B 31 -3.64 -21.44 21.43
N PRO B 32 -4.07 -20.67 20.40
CA PRO B 32 -5.21 -19.74 20.36
C PRO B 32 -6.58 -20.41 20.22
N ILE B 33 -7.62 -19.74 20.73
CA ILE B 33 -8.97 -20.28 20.57
C ILE B 33 -9.53 -20.04 19.18
N LEU B 34 -9.05 -19.03 18.46
CA LEU B 34 -9.40 -18.81 17.06
C LEU B 34 -8.11 -18.91 16.25
N GLN B 35 -7.92 -20.00 15.50
CA GLN B 35 -6.73 -20.18 14.67
C GLN B 35 -6.88 -19.41 13.37
N GLY B 36 -5.79 -18.81 12.91
CA GLY B 36 -5.85 -18.05 11.68
C GLY B 36 -6.25 -16.61 11.93
N CYS B 37 -6.62 -15.93 10.84
CA CYS B 37 -6.65 -14.46 10.86
C CYS B 37 -7.92 -13.97 11.54
N TYR B 38 -7.78 -13.73 12.85
CA TYR B 38 -8.87 -13.24 13.70
C TYR B 38 -8.28 -12.21 14.67
N PRO B 39 -7.89 -11.04 14.15
CA PRO B 39 -7.13 -10.09 14.97
C PRO B 39 -8.03 -9.21 15.84
N ASP B 40 -7.38 -8.44 16.71
CA ASP B 40 -8.04 -7.43 17.52
C ASP B 40 -9.29 -7.95 18.24
N PRO B 41 -9.16 -9.01 19.03
CA PRO B 41 -10.35 -9.59 19.68
C PRO B 41 -10.91 -8.64 20.72
N SER B 42 -12.24 -8.62 20.83
CA SER B 42 -12.94 -7.90 21.88
C SER B 42 -14.08 -8.79 22.36
N ILE B 43 -14.39 -8.72 23.65
CA ILE B 43 -15.33 -9.66 24.26
C ILE B 43 -16.24 -8.92 25.23
N THR B 44 -17.50 -9.35 25.31
CA THR B 44 -18.41 -8.82 26.32
C THR B 44 -19.33 -9.95 26.77
N ARG B 45 -20.11 -9.65 27.80
CA ARG B 45 -20.95 -10.64 28.45
C ARG B 45 -22.32 -10.04 28.75
N LYS B 46 -23.37 -10.83 28.51
CA LYS B 46 -24.70 -10.56 29.06
C LYS B 46 -25.15 -11.83 29.76
N GLY B 47 -25.26 -11.78 31.08
CA GLY B 47 -25.65 -12.98 31.81
C GLY B 47 -24.59 -14.05 31.67
N ASP B 48 -25.00 -15.21 31.16
CA ASP B 48 -24.11 -16.33 30.89
C ASP B 48 -23.58 -16.34 29.47
N ASP B 49 -23.87 -15.32 28.67
CA ASP B 49 -23.63 -15.34 27.23
C ASP B 49 -22.44 -14.44 26.89
N TYR B 50 -21.39 -15.02 26.33
CA TYR B 50 -20.20 -14.29 25.90
C TYR B 50 -20.25 -14.07 24.39
N PHE B 51 -19.80 -12.89 23.95
CA PHE B 51 -19.74 -12.55 22.53
C PHE B 51 -18.35 -12.01 22.23
N LEU B 52 -17.74 -12.51 21.16
CA LEU B 52 -16.36 -12.24 20.79
C LEU B 52 -16.31 -11.77 19.34
N VAL B 53 -15.59 -10.69 19.07
CA VAL B 53 -15.52 -10.10 17.73
C VAL B 53 -14.07 -9.82 17.35
N CYS B 54 -13.80 -9.79 16.05
CA CYS B 54 -12.47 -9.58 15.51
C CYS B 54 -12.53 -8.61 14.34
N SER B 55 -11.38 -7.99 14.01
CA SER B 55 -11.31 -7.12 12.83
C SER B 55 -11.27 -7.95 11.55
N SER B 56 -11.45 -7.30 10.40
CA SER B 56 -11.61 -8.04 9.14
C SER B 56 -11.20 -7.29 7.88
N PHE B 57 -10.89 -5.99 7.98
CA PHE B 57 -10.26 -5.22 6.88
C PHE B 57 -11.15 -5.31 5.64
N ALA B 58 -10.71 -5.86 4.51
CA ALA B 58 -11.53 -5.87 3.30
C ALA B 58 -12.24 -7.19 3.05
N MET B 59 -12.21 -8.12 4.02
CA MET B 59 -12.96 -9.35 3.89
C MET B 59 -14.46 -9.08 3.99
N PHE B 60 -15.25 -9.91 3.32
CA PHE B 60 -16.71 -9.76 3.31
C PHE B 60 -17.35 -11.08 3.73
N PRO B 61 -18.16 -11.09 4.80
CA PRO B 61 -18.57 -9.92 5.58
C PRO B 61 -17.60 -9.54 6.68
N GLY B 62 -17.97 -8.57 7.50
CA GLY B 62 -17.05 -7.93 8.42
C GLY B 62 -17.37 -8.19 9.88
N VAL B 63 -16.33 -8.19 10.70
CA VAL B 63 -16.39 -8.38 12.15
C VAL B 63 -17.03 -9.74 12.43
N PRO B 64 -16.33 -10.84 12.17
CA PRO B 64 -16.87 -12.15 12.57
C PRO B 64 -17.17 -12.14 14.07
N ILE B 65 -18.24 -12.82 14.45
CA ILE B 65 -18.70 -12.76 15.82
C ILE B 65 -19.03 -14.17 16.30
N PHE B 66 -18.59 -14.47 17.53
CA PHE B 66 -18.65 -15.80 18.09
C PHE B 66 -19.35 -15.74 19.45
N HIS B 67 -20.07 -16.80 19.77
CA HIS B 67 -20.81 -16.89 21.02
C HIS B 67 -20.31 -18.09 21.82
N SER B 68 -20.27 -17.92 23.14
CA SER B 68 -19.91 -19.03 24.01
C SER B 68 -20.60 -18.88 25.36
N LYS B 69 -20.81 -20.01 26.03
CA LYS B 69 -21.23 -20.01 27.43
C LYS B 69 -20.07 -20.31 28.38
N ASP B 70 -18.90 -20.69 27.85
CA ASP B 70 -17.84 -21.17 28.72
C ASP B 70 -16.43 -20.73 28.34
N LEU B 71 -16.26 -19.88 27.32
CA LEU B 71 -14.99 -19.35 26.81
C LEU B 71 -14.15 -20.40 26.09
N VAL B 72 -14.61 -21.64 25.99
CA VAL B 72 -13.88 -22.72 25.35
C VAL B 72 -14.55 -23.15 24.05
N ASN B 73 -15.85 -23.33 24.09
CA ASN B 73 -16.62 -23.83 22.96
C ASN B 73 -17.35 -22.64 22.36
N TRP B 74 -16.93 -22.24 21.17
CA TRP B 74 -17.42 -21.05 20.50
C TRP B 74 -18.25 -21.45 19.29
N THR B 75 -19.33 -20.74 19.06
CA THR B 75 -20.16 -20.90 17.87
C THR B 75 -20.07 -19.61 17.08
N GLN B 76 -19.62 -19.70 15.83
CA GLN B 76 -19.69 -18.51 15.00
C GLN B 76 -21.15 -18.24 14.67
N ILE B 77 -21.67 -17.10 15.10
CA ILE B 77 -23.06 -16.78 14.84
C ILE B 77 -23.24 -15.87 13.64
N GLY B 78 -22.14 -15.51 12.96
CA GLY B 78 -22.24 -14.70 11.76
C GLY B 78 -21.17 -13.62 11.69
N HIS B 79 -21.57 -12.42 11.29
CA HIS B 79 -20.71 -11.25 11.21
C HIS B 79 -21.52 -10.04 11.62
N VAL B 80 -20.91 -9.13 12.38
CA VAL B 80 -21.65 -7.95 12.82
C VAL B 80 -21.96 -7.04 11.63
N LEU B 81 -20.98 -6.84 10.76
CA LEU B 81 -21.11 -5.97 9.59
C LEU B 81 -21.40 -6.89 8.41
N ASP B 82 -22.67 -7.25 8.29
CA ASP B 82 -23.19 -8.33 7.45
C ASP B 82 -23.66 -7.83 6.09
N ARG B 83 -24.26 -6.65 6.04
CA ARG B 83 -24.90 -6.14 4.83
C ARG B 83 -23.99 -5.19 4.08
N THR B 84 -24.27 -5.04 2.79
CA THR B 84 -23.59 -4.01 2.01
C THR B 84 -23.95 -2.60 2.50
N SER B 85 -25.02 -2.44 3.29
CA SER B 85 -25.30 -1.15 3.91
C SER B 85 -24.42 -0.88 5.13
N GLN B 86 -23.82 -1.91 5.70
CA GLN B 86 -22.91 -1.76 6.83
C GLN B 86 -21.45 -1.82 6.43
N LEU B 87 -21.14 -2.40 5.27
CA LEU B 87 -19.78 -2.80 4.91
C LEU B 87 -19.60 -2.46 3.43
N LYS B 88 -18.74 -1.49 3.13
CA LYS B 88 -18.63 -0.97 1.77
C LYS B 88 -17.19 -1.07 1.28
N VAL B 89 -16.71 -2.30 1.15
CA VAL B 89 -15.30 -2.54 0.87
C VAL B 89 -15.08 -2.92 -0.60
N HIS B 90 -16.07 -2.64 -1.47
CA HIS B 90 -15.99 -3.01 -2.89
C HIS B 90 -14.66 -2.61 -3.53
N ASP B 91 -14.19 -1.39 -3.26
CA ASP B 91 -12.96 -0.87 -3.86
C ASP B 91 -11.85 -0.64 -2.84
N THR B 92 -11.87 -1.35 -1.71
CA THR B 92 -11.05 -0.99 -0.57
C THR B 92 -9.70 -1.70 -0.59
N GLY B 93 -8.64 -0.97 -0.23
CA GLY B 93 -7.32 -1.58 -0.16
C GLY B 93 -7.26 -2.68 0.88
N ILE B 94 -6.33 -3.62 0.68
CA ILE B 94 -6.27 -4.82 1.52
C ILE B 94 -5.97 -4.48 2.99
N SER B 95 -5.44 -3.28 3.27
CA SER B 95 -5.05 -2.82 4.59
C SER B 95 -5.95 -1.73 5.12
N ALA B 96 -7.04 -1.41 4.42
CA ALA B 96 -8.03 -0.47 4.91
C ALA B 96 -9.26 -1.27 5.36
N GLY B 97 -10.44 -0.71 5.21
CA GLY B 97 -11.63 -1.42 5.66
C GLY B 97 -11.82 -1.42 7.18
N VAL B 98 -12.24 -2.54 7.73
CA VAL B 98 -12.65 -2.60 9.14
C VAL B 98 -11.45 -2.88 10.03
N TYR B 99 -11.14 -1.93 10.91
CA TYR B 99 -10.04 -2.04 11.87
C TYR B 99 -10.57 -2.66 13.17
N ALA B 100 -9.82 -2.50 14.27
CA ALA B 100 -10.19 -3.16 15.52
C ALA B 100 -11.64 -2.85 15.90
N PRO B 101 -12.45 -3.87 16.27
CA PRO B 101 -13.78 -3.59 16.85
C PRO B 101 -13.77 -3.72 18.36
N ALA B 102 -14.72 -3.07 19.03
CA ALA B 102 -14.97 -3.32 20.44
C ALA B 102 -16.45 -3.58 20.63
N ILE B 103 -16.78 -4.64 21.37
CA ILE B 103 -18.17 -5.00 21.61
C ILE B 103 -18.44 -4.82 23.09
N LYS B 104 -19.58 -4.20 23.43
CA LYS B 104 -19.90 -3.96 24.84
C LYS B 104 -21.41 -4.07 25.05
N TYR B 105 -21.80 -4.83 26.06
CA TYR B 105 -23.19 -4.93 26.47
C TYR B 105 -23.46 -3.88 27.54
N ASN B 106 -24.52 -3.09 27.34
CA ASN B 106 -24.86 -2.07 28.32
C ASN B 106 -26.02 -2.57 29.16
N PRO B 107 -25.80 -2.95 30.42
CA PRO B 107 -26.94 -3.40 31.25
C PRO B 107 -27.95 -2.30 31.53
N ASN B 108 -27.54 -1.03 31.45
CA ASN B 108 -28.43 0.07 31.80
C ASN B 108 -29.60 0.20 30.84
N ASN B 109 -29.43 -0.18 29.56
CA ASN B 109 -30.51 -0.13 28.61
C ASN B 109 -30.66 -1.44 27.83
N ASP B 110 -30.04 -2.51 28.34
CA ASP B 110 -30.18 -3.85 27.75
C ASP B 110 -29.87 -3.85 26.25
N THR B 111 -28.80 -3.16 25.86
CA THR B 111 -28.43 -2.99 24.46
C THR B 111 -26.96 -3.35 24.24
N PHE B 112 -26.67 -4.00 23.11
CA PHE B 112 -25.30 -4.31 22.70
C PHE B 112 -24.80 -3.23 21.74
N TYR B 113 -23.52 -2.91 21.87
CA TYR B 113 -22.85 -1.93 21.02
C TYR B 113 -21.62 -2.57 20.42
N MET B 114 -21.35 -2.27 19.16
CA MET B 114 -20.09 -2.64 18.53
C MET B 114 -19.56 -1.37 17.86
N ILE B 115 -18.42 -0.89 18.34
CA ILE B 115 -17.83 0.36 17.89
C ILE B 115 -16.51 0.04 17.20
N THR B 116 -16.26 0.66 16.06
CA THR B 116 -15.10 0.30 15.26
C THR B 116 -14.77 1.47 14.33
N THR B 117 -13.73 1.28 13.52
CA THR B 117 -13.33 2.22 12.48
C THR B 117 -13.38 1.50 11.15
N GLN B 118 -14.09 2.07 10.18
CA GLN B 118 -14.17 1.47 8.84
C GLN B 118 -13.60 2.47 7.85
N PHE B 119 -12.42 2.20 7.32
CA PHE B 119 -11.82 3.08 6.32
C PHE B 119 -12.36 2.66 4.95
N ALA B 120 -13.64 2.99 4.75
CA ALA B 120 -14.40 2.66 3.55
C ALA B 120 -15.78 3.29 3.70
N GLY B 121 -16.36 3.67 2.57
CA GLY B 121 -17.74 4.10 2.49
C GLY B 121 -18.06 5.40 3.20
N GLY B 122 -17.07 6.21 3.52
CA GLY B 122 -17.29 7.42 4.29
C GLY B 122 -17.58 7.21 5.75
N PHE B 123 -17.39 6.00 6.28
CA PHE B 123 -17.83 5.70 7.64
C PHE B 123 -16.88 6.24 8.70
N GLY B 124 -15.60 5.93 8.58
CA GLY B 124 -14.69 6.28 9.67
C GLY B 124 -15.10 5.58 10.95
N ASN B 125 -15.00 6.29 12.07
CA ASN B 125 -15.47 5.69 13.32
C ASN B 125 -16.99 5.58 13.36
N ILE B 126 -17.48 4.39 13.71
CA ILE B 126 -18.89 4.07 13.63
C ILE B 126 -19.26 3.19 14.81
N ILE B 127 -20.54 3.17 15.14
CA ILE B 127 -21.06 2.27 16.16
C ILE B 127 -22.36 1.69 15.61
N VAL B 128 -22.60 0.41 15.90
CA VAL B 128 -23.85 -0.24 15.57
C VAL B 128 -24.41 -0.82 16.87
N LYS B 129 -25.73 -1.00 16.88
CA LYS B 129 -26.44 -1.43 18.08
C LYS B 129 -27.31 -2.64 17.77
N SER B 130 -27.59 -3.41 18.82
CA SER B 130 -28.42 -4.60 18.72
C SER B 130 -28.99 -4.93 20.09
N LYS B 131 -30.26 -5.36 20.11
CA LYS B 131 -30.82 -6.00 21.28
C LYS B 131 -30.55 -7.49 21.29
N ASP B 132 -30.11 -8.06 20.17
CA ASP B 132 -29.96 -9.51 20.05
C ASP B 132 -28.92 -9.80 18.97
N PRO B 133 -27.65 -10.03 19.35
CA PRO B 133 -26.62 -10.34 18.33
C PRO B 133 -26.92 -11.57 17.51
N PHE B 134 -27.78 -12.48 17.98
CA PHE B 134 -28.11 -13.63 17.17
C PHE B 134 -28.91 -13.26 15.93
N LYS B 135 -29.62 -12.13 15.95
CA LYS B 135 -30.37 -11.69 14.79
C LYS B 135 -29.61 -10.72 13.91
N GLY B 136 -28.95 -9.72 14.47
CA GLY B 136 -28.21 -8.77 13.66
C GLY B 136 -28.20 -7.40 14.31
N TRP B 137 -27.70 -6.43 13.55
CA TRP B 137 -27.35 -5.13 14.10
C TRP B 137 -27.86 -4.01 13.18
N SER B 138 -27.85 -2.80 13.74
CA SER B 138 -28.25 -1.61 13.01
C SER B 138 -27.26 -1.29 11.90
N ASP B 139 -27.66 -0.36 11.03
CA ASP B 139 -26.72 0.25 10.13
C ASP B 139 -25.77 1.13 10.93
N PRO B 140 -24.64 1.54 10.35
CA PRO B 140 -23.62 2.25 11.13
C PRO B 140 -24.02 3.67 11.48
N ILE B 141 -23.75 4.04 12.73
CA ILE B 141 -23.94 5.40 13.22
C ILE B 141 -22.57 6.06 13.25
N LYS B 142 -22.40 7.13 12.48
CA LYS B 142 -21.09 7.77 12.36
C LYS B 142 -20.79 8.64 13.57
N LEU B 143 -19.57 8.51 14.11
CA LEU B 143 -19.16 9.20 15.31
C LEU B 143 -18.14 10.28 14.98
N ASN B 144 -18.25 11.41 15.68
CA ASN B 144 -17.52 12.63 15.31
C ASN B 144 -16.13 12.69 15.96
N PHE B 145 -15.33 11.66 15.70
CA PHE B 145 -13.93 11.72 16.12
C PHE B 145 -13.07 10.90 15.16
N ASP B 146 -11.77 11.15 15.19
CA ASP B 146 -10.80 10.53 14.31
C ASP B 146 -9.90 9.57 15.09
N GLY B 147 -8.99 8.90 14.38
CA GLY B 147 -8.18 7.86 14.98
C GLY B 147 -8.85 6.50 14.87
N ILE B 148 -8.34 5.57 15.67
CA ILE B 148 -8.71 4.15 15.56
C ILE B 148 -8.93 3.57 16.96
N ASP B 149 -9.27 2.29 17.00
CA ASP B 149 -9.45 1.53 18.23
C ASP B 149 -10.44 2.14 19.23
N PRO B 150 -11.62 2.56 18.79
CA PRO B 150 -12.59 3.10 19.75
C PRO B 150 -13.17 2.02 20.64
N SER B 151 -13.61 2.42 21.82
CA SER B 151 -14.20 1.52 22.78
C SER B 151 -15.19 2.33 23.62
N ILE B 152 -16.30 1.71 24.00
CA ILE B 152 -17.35 2.43 24.72
C ILE B 152 -17.50 1.82 26.12
N PHE B 153 -17.58 2.69 27.13
CA PHE B 153 -17.60 2.31 28.54
C PHE B 153 -18.84 2.89 29.18
N PHE B 154 -19.56 2.07 29.93
CA PHE B 154 -20.80 2.50 30.58
C PHE B 154 -20.59 2.45 32.09
N ASP B 155 -20.62 3.61 32.74
CA ASP B 155 -20.37 3.73 34.16
C ASP B 155 -21.60 3.28 34.96
N ASP B 156 -21.40 3.16 36.29
CA ASP B 156 -22.43 2.61 37.18
C ASP B 156 -23.73 3.38 37.07
N ASN B 157 -23.63 4.70 36.93
CA ASN B 157 -24.78 5.58 36.82
C ASN B 157 -25.34 5.68 35.40
N GLY B 158 -24.96 4.77 34.50
CA GLY B 158 -25.39 4.85 33.12
C GLY B 158 -24.67 5.89 32.27
N LYS B 159 -23.86 6.77 32.86
CA LYS B 159 -23.07 7.70 32.06
C LYS B 159 -22.10 6.93 31.16
N ALA B 160 -21.85 7.47 29.98
CA ALA B 160 -21.16 6.74 28.92
C ALA B 160 -20.00 7.52 28.36
N TYR B 161 -18.94 6.79 27.99
CA TYR B 161 -17.71 7.38 27.51
C TYR B 161 -17.20 6.57 26.34
N VAL B 162 -16.60 7.25 25.36
CA VAL B 162 -15.87 6.60 24.28
C VAL B 162 -14.41 6.96 24.42
N VAL B 163 -13.55 5.95 24.43
CA VAL B 163 -12.10 6.14 24.48
C VAL B 163 -11.53 5.60 23.18
N HIS B 164 -10.52 6.26 22.66
CA HIS B 164 -9.99 5.84 21.36
C HIS B 164 -8.56 6.33 21.24
N ASN B 165 -7.86 5.78 20.25
CA ASN B 165 -6.53 6.24 19.90
C ASN B 165 -6.67 7.45 18.99
N ASP B 166 -5.75 8.41 19.14
CA ASP B 166 -5.74 9.56 18.26
C ASP B 166 -4.29 10.00 18.09
N GLY B 167 -4.08 10.93 17.18
CA GLY B 167 -2.77 11.52 17.02
C GLY B 167 -2.61 12.71 17.93
N PRO B 168 -1.37 13.11 18.21
CA PRO B 168 -1.16 14.31 19.04
C PRO B 168 -1.64 15.54 18.29
N ARG B 169 -1.77 16.64 19.05
CA ARG B 169 -2.15 17.92 18.47
C ARG B 169 -1.24 18.24 17.28
N ARG B 170 -1.81 18.87 16.26
CA ARG B 170 -1.06 19.24 15.06
C ARG B 170 0.17 20.04 15.43
N GLY B 171 1.35 19.47 15.21
CA GLY B 171 2.61 20.09 15.58
C GLY B 171 3.15 19.68 16.94
N GLU B 172 2.39 18.93 17.74
CA GLU B 172 2.88 18.41 19.01
C GLU B 172 3.67 17.12 18.84
N GLU B 173 3.64 16.50 17.66
CA GLU B 173 4.20 15.16 17.47
C GLU B 173 5.68 15.13 17.85
N LEU B 174 6.02 14.33 18.85
CA LEU B 174 7.38 14.23 19.34
C LEU B 174 8.24 13.24 18.57
N TYR B 175 7.64 12.18 18.02
CA TYR B 175 8.41 11.16 17.31
C TYR B 175 7.47 10.33 16.47
N ASN B 176 8.06 9.59 15.53
CA ASN B 176 7.29 8.67 14.70
C ASN B 176 6.70 7.56 15.56
N GLY B 177 5.37 7.44 15.56
CA GLY B 177 4.69 6.50 16.44
C GLY B 177 4.12 7.12 17.69
N HIS B 178 4.31 8.42 17.91
CA HIS B 178 3.75 9.10 19.07
C HIS B 178 2.25 9.20 18.94
N ARG B 179 1.53 8.57 19.86
CA ARG B 179 0.09 8.54 19.81
C ARG B 179 -0.48 8.91 21.18
N VAL B 180 -1.80 9.05 21.21
CA VAL B 180 -2.52 9.62 22.33
C VAL B 180 -3.77 8.78 22.56
N ILE B 181 -4.17 8.61 23.81
CA ILE B 181 -5.49 8.07 24.15
C ILE B 181 -6.39 9.23 24.54
N LYS B 182 -7.55 9.34 23.89
CA LYS B 182 -8.50 10.43 24.09
C LYS B 182 -9.82 9.85 24.55
N ILE B 183 -10.50 10.57 25.45
CA ILE B 183 -11.80 10.14 25.98
C ILE B 183 -12.83 11.22 25.70
N TRP B 184 -14.07 10.80 25.43
CA TRP B 184 -15.23 11.68 25.26
C TRP B 184 -16.35 11.23 26.18
N GLU B 185 -17.22 12.16 26.54
CA GLU B 185 -18.52 11.77 27.08
C GLU B 185 -19.43 11.43 25.90
N TYR B 186 -20.22 10.38 26.06
CA TYR B 186 -21.05 9.84 24.99
C TYR B 186 -22.52 10.06 25.33
N ASP B 187 -23.26 10.67 24.40
CA ASP B 187 -24.69 10.90 24.54
C ASP B 187 -25.42 9.62 24.12
N VAL B 188 -25.98 8.90 25.09
CA VAL B 188 -26.64 7.62 24.81
C VAL B 188 -27.99 7.80 24.13
N GLU B 189 -28.63 8.95 24.27
CA GLU B 189 -29.93 9.14 23.62
C GLU B 189 -29.76 9.45 22.14
N ASN B 190 -28.72 10.18 21.78
CA ASN B 190 -28.51 10.56 20.39
C ASN B 190 -27.39 9.80 19.72
N ASP B 191 -26.68 8.95 20.46
CA ASP B 191 -25.56 8.14 19.96
C ASP B 191 -24.53 9.02 19.26
N GLN B 192 -23.92 9.89 20.04
CA GLN B 192 -22.90 10.79 19.52
C GLN B 192 -22.00 11.23 20.67
N VAL B 193 -20.73 11.51 20.35
CA VAL B 193 -19.85 12.09 21.35
C VAL B 193 -20.23 13.56 21.52
N ILE B 194 -20.10 14.05 22.76
CA ILE B 194 -20.62 15.37 23.12
C ILE B 194 -19.52 16.40 22.90
N PRO B 195 -19.74 17.43 22.09
CA PRO B 195 -18.68 18.40 21.80
C PRO B 195 -18.16 19.03 23.08
N GLY B 196 -16.86 19.35 23.06
CA GLY B 196 -16.22 19.98 24.20
C GLY B 196 -15.91 19.08 25.37
N THR B 197 -16.27 17.80 25.32
CA THR B 197 -15.96 16.88 26.41
C THR B 197 -14.71 16.03 26.14
N ASP B 198 -14.03 16.23 25.02
CA ASP B 198 -12.85 15.44 24.71
C ASP B 198 -11.69 15.82 25.62
N GLN B 199 -10.88 14.82 25.96
CA GLN B 199 -9.78 14.98 26.90
C GLN B 199 -8.73 13.92 26.62
N VAL B 200 -7.48 14.35 26.43
CA VAL B 200 -6.39 13.40 26.32
C VAL B 200 -6.09 12.85 27.71
N ILE B 201 -6.12 11.54 27.84
CA ILE B 201 -5.88 10.92 29.14
C ILE B 201 -4.56 10.17 29.19
N VAL B 202 -3.99 9.81 28.05
CA VAL B 202 -2.66 9.21 28.00
C VAL B 202 -1.91 9.85 26.84
N ASN B 203 -0.71 10.33 27.13
CA ASN B 203 0.15 10.94 26.12
C ASN B 203 1.33 10.00 25.90
N GLY B 204 1.37 9.36 24.73
CA GLY B 204 2.48 8.50 24.39
C GLY B 204 2.36 7.08 24.90
N GLY B 205 2.29 6.89 26.21
CA GLY B 205 2.29 5.55 26.78
C GLY B 205 2.71 5.59 28.24
N VAL B 206 3.18 4.45 28.73
CA VAL B 206 3.50 4.32 30.16
C VAL B 206 4.62 5.27 30.54
N ASP B 207 5.64 5.40 29.69
CA ASP B 207 6.82 6.21 29.99
C ASP B 207 7.18 6.97 28.71
N LEU B 208 6.69 8.21 28.62
CA LEU B 208 6.87 8.99 27.39
C LEU B 208 8.34 9.16 27.03
N SER B 209 9.24 9.12 28.03
CA SER B 209 10.67 9.28 27.80
C SER B 209 11.30 8.09 27.08
N LYS B 210 10.58 6.96 26.98
CA LYS B 210 11.07 5.82 26.22
C LYS B 210 10.53 5.79 24.81
N LYS B 211 9.88 6.87 24.37
CA LYS B 211 9.26 6.93 23.05
C LYS B 211 8.34 5.73 22.76
N PRO B 212 7.37 5.45 23.63
CA PRO B 212 6.44 4.34 23.33
C PRO B 212 5.64 4.65 22.08
N ILE B 213 5.45 3.63 21.24
CA ILE B 213 4.77 3.83 19.97
C ILE B 213 3.39 3.21 20.03
N TRP B 214 2.44 3.90 19.40
CA TRP B 214 1.13 3.37 19.12
C TRP B 214 0.45 2.84 20.37
N ILE B 215 0.46 3.65 21.43
CA ILE B 215 -0.48 3.41 22.51
C ILE B 215 -1.86 3.39 21.87
N GLU B 216 -2.60 2.30 22.08
CA GLU B 216 -3.81 2.11 21.32
C GLU B 216 -4.67 1.08 22.05
N ALA B 217 -5.71 0.59 21.36
CA ALA B 217 -6.60 -0.42 21.90
C ALA B 217 -7.08 -0.09 23.32
N PRO B 218 -7.47 1.15 23.61
CA PRO B 218 -7.86 1.47 25.00
C PRO B 218 -9.19 0.82 25.37
N HIS B 219 -9.24 0.33 26.61
CA HIS B 219 -10.47 -0.14 27.23
C HIS B 219 -10.51 0.38 28.65
N ILE B 220 -11.68 0.81 29.09
CA ILE B 220 -11.86 1.27 30.46
C ILE B 220 -12.65 0.22 31.21
N TYR B 221 -12.18 -0.11 32.42
CA TYR B 221 -12.91 -0.99 33.29
C TYR B 221 -13.06 -0.34 34.65
N LYS B 222 -14.13 -0.68 35.36
CA LYS B 222 -14.39 -0.19 36.70
C LYS B 222 -14.32 -1.35 37.67
N LYS B 223 -13.41 -1.26 38.64
CA LYS B 223 -13.32 -2.26 39.72
C LYS B 223 -13.02 -1.56 41.04
N ASP B 224 -13.76 -1.94 42.08
CA ASP B 224 -13.59 -1.42 43.44
C ASP B 224 -13.55 0.11 43.45
N GLY B 225 -14.43 0.73 42.68
CA GLY B 225 -14.54 2.17 42.67
C GLY B 225 -13.50 2.93 41.87
N ARG B 226 -12.46 2.26 41.37
CA ARG B 226 -11.44 2.92 40.57
C ARG B 226 -11.62 2.59 39.09
N TYR B 227 -11.06 3.44 38.23
CA TYR B 227 -11.16 3.29 36.80
C TYR B 227 -9.81 2.83 36.24
N TYR B 228 -9.85 1.77 35.45
CA TYR B 228 -8.65 1.21 34.84
C TYR B 228 -8.69 1.42 33.34
N LEU B 229 -7.57 1.87 32.78
CA LEU B 229 -7.39 2.00 31.34
C LEU B 229 -6.34 0.98 30.91
N MET B 230 -6.77 -0.04 30.18
CA MET B 230 -5.87 -1.06 29.65
C MET B 230 -5.64 -0.79 28.17
N CYS B 231 -4.38 -0.79 27.74
CA CYS B 231 -4.02 -0.40 26.38
C CYS B 231 -2.96 -1.34 25.79
N ALA B 232 -2.95 -1.44 24.47
CA ALA B 232 -1.80 -2.01 23.79
C ALA B 232 -0.74 -0.94 23.61
N GLU B 233 0.52 -1.38 23.59
CA GLU B 233 1.65 -0.47 23.43
C GLU B 233 2.75 -1.16 22.64
N GLY B 234 3.41 -0.41 21.77
CA GLY B 234 4.52 -0.94 21.01
C GLY B 234 4.18 -1.27 19.57
N GLY B 235 2.94 -1.11 19.16
CA GLY B 235 2.52 -1.50 17.82
C GLY B 235 2.24 -2.98 17.74
N THR B 236 1.43 -3.36 16.75
CA THR B 236 0.95 -4.74 16.66
C THR B 236 1.98 -5.70 16.08
N GLY B 237 3.26 -5.29 16.04
CA GLY B 237 4.32 -6.14 15.54
C GLY B 237 5.23 -6.64 16.65
N GLY B 238 6.54 -6.65 16.40
CA GLY B 238 7.48 -7.29 17.30
C GLY B 238 7.52 -6.71 18.69
N TRP B 239 7.04 -5.47 18.87
CA TRP B 239 7.11 -4.82 20.17
C TRP B 239 5.76 -4.78 20.87
N HIS B 240 4.77 -5.53 20.38
CA HIS B 240 3.43 -5.51 20.96
C HIS B 240 3.48 -5.87 22.44
N SER B 241 2.62 -5.22 23.21
CA SER B 241 2.45 -5.51 24.62
C SER B 241 1.12 -4.94 25.07
N GLU B 242 0.73 -5.26 26.30
CA GLU B 242 -0.41 -4.64 26.96
C GLU B 242 0.06 -3.98 28.25
N VAL B 243 -0.44 -2.76 28.50
CA VAL B 243 -0.10 -1.98 29.67
C VAL B 243 -1.39 -1.53 30.35
N ILE B 244 -1.26 -1.02 31.58
CA ILE B 244 -2.43 -0.69 32.38
C ILE B 244 -2.17 0.59 33.19
N PHE B 245 -3.20 1.42 33.32
CA PHE B 245 -3.21 2.65 34.10
C PHE B 245 -4.41 2.63 35.05
N VAL B 246 -4.37 3.49 36.07
CA VAL B 246 -5.49 3.59 37.00
C VAL B 246 -5.79 5.06 37.31
N SER B 247 -7.06 5.35 37.60
CA SER B 247 -7.48 6.68 37.99
C SER B 247 -8.69 6.58 38.90
N ASP B 248 -8.92 7.64 39.67
CA ASP B 248 -10.13 7.72 40.48
C ASP B 248 -11.33 8.23 39.69
N ASN B 249 -11.12 8.70 38.46
CA ASN B 249 -12.19 9.29 37.66
C ASN B 249 -12.09 8.83 36.21
N PRO B 250 -13.23 8.75 35.51
CA PRO B 250 -13.20 8.29 34.11
C PRO B 250 -12.27 9.09 33.22
N LYS B 251 -12.17 10.40 33.45
CA LYS B 251 -11.37 11.27 32.59
C LYS B 251 -10.02 11.60 33.20
N GLY B 252 -9.58 10.83 34.19
CA GLY B 252 -8.21 10.93 34.65
C GLY B 252 -8.07 11.81 35.87
N PRO B 253 -6.81 12.15 36.24
CA PRO B 253 -5.59 11.73 35.55
C PRO B 253 -5.27 10.24 35.74
N PHE B 254 -4.78 9.58 34.70
CA PHE B 254 -4.47 8.16 34.77
C PHE B 254 -2.98 7.97 35.04
N ILE B 255 -2.68 7.08 35.96
CA ILE B 255 -1.33 6.81 36.43
C ILE B 255 -0.95 5.41 35.98
N PRO B 256 0.21 5.21 35.34
CA PRO B 256 0.59 3.84 34.95
C PRO B 256 0.93 3.00 36.17
N ALA B 257 0.58 1.71 36.10
CA ALA B 257 0.99 0.77 37.12
C ALA B 257 2.52 0.69 37.16
N PRO B 258 3.12 0.46 38.33
CA PRO B 258 4.59 0.30 38.38
C PRO B 258 5.08 -0.89 37.58
N SER B 259 4.35 -2.00 37.59
CA SER B 259 4.72 -3.16 36.78
C SER B 259 4.00 -3.05 35.43
N ASN B 260 4.78 -2.96 34.36
CA ASN B 260 4.22 -2.69 33.05
C ASN B 260 5.33 -3.06 32.08
N PRO B 261 5.03 -3.76 30.99
CA PRO B 261 3.71 -4.26 30.56
C PRO B 261 3.25 -5.46 31.40
N ASP B 262 1.98 -5.88 31.34
CA ASP B 262 1.58 -7.12 32.00
C ASP B 262 1.23 -8.23 31.04
N LEU B 263 1.41 -8.02 29.75
CA LEU B 263 1.22 -9.07 28.75
C LEU B 263 2.18 -8.76 27.61
N SER B 264 3.05 -9.71 27.28
CA SER B 264 3.97 -9.54 26.16
C SER B 264 4.84 -10.78 25.95
N GLN B 265 5.19 -11.05 24.71
CA GLN B 265 6.21 -12.03 24.40
C GLN B 265 7.45 -11.38 23.82
N ARG B 266 7.52 -10.05 23.83
CA ARG B 266 8.55 -9.35 23.06
C ARG B 266 9.94 -9.47 23.67
N TYR B 267 10.06 -9.80 24.97
CA TYR B 267 11.38 -9.92 25.59
C TYR B 267 11.93 -11.33 25.54
N LEU B 268 11.17 -12.29 25.04
CA LEU B 268 11.50 -13.70 25.12
C LEU B 268 12.50 -14.08 24.04
N ASP B 269 13.13 -15.22 24.24
CA ASP B 269 14.21 -15.66 23.37
C ASP B 269 13.72 -15.98 21.96
N HIS B 270 14.42 -15.44 20.95
CA HIS B 270 13.97 -15.59 19.57
C HIS B 270 14.13 -17.01 19.01
N ASN B 271 14.78 -17.90 19.74
CA ASN B 271 14.93 -19.28 19.31
C ASN B 271 13.99 -20.24 20.04
N ARG B 272 13.00 -19.73 20.77
CA ARG B 272 12.13 -20.62 21.51
C ARG B 272 11.26 -21.46 20.56
N LYS B 273 10.81 -22.60 21.07
CA LYS B 273 9.90 -23.48 20.35
C LYS B 273 8.46 -23.06 20.59
N ASN B 274 7.58 -23.46 19.67
CA ASN B 274 6.16 -23.10 19.72
C ASN B 274 5.99 -21.61 19.94
N MET B 275 6.72 -20.84 19.14
CA MET B 275 6.86 -19.42 19.37
C MET B 275 5.55 -18.68 19.16
N VAL B 276 5.19 -17.86 20.15
CA VAL B 276 4.09 -16.91 20.07
C VAL B 276 4.69 -15.52 20.18
N ASP B 277 4.35 -14.63 19.24
CA ASP B 277 4.96 -13.31 19.17
C ASP B 277 3.87 -12.25 18.95
N TRP B 278 4.27 -10.98 19.10
CA TRP B 278 3.39 -9.83 18.84
C TRP B 278 2.14 -9.86 19.71
N ALA B 279 2.28 -10.26 20.99
CA ALA B 279 1.11 -10.41 21.84
C ALA B 279 0.68 -9.08 22.43
N GLY B 280 -0.61 -8.75 22.29
CA GLY B 280 -1.15 -7.52 22.82
C GLY B 280 -2.58 -7.33 22.33
N HIS B 281 -3.10 -6.11 22.52
CA HIS B 281 -4.47 -5.76 22.11
C HIS B 281 -5.49 -6.66 22.81
N ALA B 282 -5.53 -6.53 24.13
CA ALA B 282 -6.30 -7.41 25.00
C ALA B 282 -7.62 -6.77 25.42
N ASP B 283 -8.51 -7.61 25.93
CA ASP B 283 -9.81 -7.17 26.42
C ASP B 283 -10.22 -8.16 27.51
N LEU B 284 -10.61 -7.65 28.67
CA LEU B 284 -10.92 -8.48 29.83
C LEU B 284 -12.43 -8.74 29.95
N VAL B 285 -12.76 -9.86 30.60
CA VAL B 285 -14.14 -10.22 30.92
C VAL B 285 -14.16 -11.12 32.15
N GLU B 286 -15.31 -11.17 32.84
CA GLU B 286 -15.50 -12.07 33.97
C GLU B 286 -15.97 -13.43 33.45
N GLY B 287 -15.19 -14.47 33.72
CA GLY B 287 -15.52 -15.80 33.23
C GLY B 287 -16.62 -16.44 34.04
N PRO B 288 -17.14 -17.56 33.53
CA PRO B 288 -18.16 -18.32 34.28
C PRO B 288 -17.60 -18.87 35.57
N ASP B 289 -16.29 -18.72 35.73
CA ASP B 289 -15.50 -19.09 36.89
C ASP B 289 -15.72 -18.19 38.09
N GLY B 290 -16.26 -16.98 37.88
CA GLY B 290 -15.92 -15.88 38.75
C GLY B 290 -14.50 -15.37 38.59
N LYS B 291 -13.69 -16.06 37.79
CA LYS B 291 -12.34 -15.67 37.43
C LYS B 291 -12.37 -14.74 36.21
N TYR B 292 -11.42 -13.81 36.16
CA TYR B 292 -11.28 -12.96 34.99
C TYR B 292 -10.52 -13.68 33.89
N TYR B 293 -10.79 -13.28 32.64
CA TYR B 293 -10.01 -13.76 31.50
C TYR B 293 -9.73 -12.59 30.57
N GLY B 294 -8.67 -12.71 29.78
CA GLY B 294 -8.39 -11.72 28.75
C GLY B 294 -8.13 -12.34 27.40
N VAL B 295 -8.86 -11.91 26.37
CA VAL B 295 -8.54 -12.30 25.00
C VAL B 295 -7.52 -11.31 24.46
N PHE B 296 -6.72 -11.75 23.48
CA PHE B 296 -5.73 -10.87 22.90
C PHE B 296 -5.26 -11.49 21.59
N LEU B 297 -4.58 -10.68 20.77
CA LEU B 297 -4.04 -11.21 19.54
C LEU B 297 -2.55 -11.56 19.72
N ALA B 298 -2.07 -12.46 18.87
CA ALA B 298 -0.65 -12.75 18.78
C ALA B 298 -0.45 -13.53 17.48
N ILE B 299 0.82 -13.81 17.16
CA ILE B 299 1.13 -14.56 15.94
C ILE B 299 1.96 -15.78 16.29
N ARG B 300 1.96 -16.75 15.37
CA ARG B 300 2.78 -17.95 15.50
C ARG B 300 3.59 -18.10 14.21
N PRO B 301 4.79 -17.52 14.18
CA PRO B 301 5.57 -17.53 12.95
C PRO B 301 6.09 -18.92 12.61
N ASN B 302 6.43 -19.09 11.34
CA ASN B 302 6.94 -20.36 10.86
C ASN B 302 8.46 -20.41 11.05
N GLU B 303 9.11 -21.40 10.43
CA GLU B 303 10.55 -21.59 10.60
C GLU B 303 11.38 -20.49 9.95
N LYS B 304 10.80 -19.70 9.05
CA LYS B 304 11.51 -18.55 8.51
C LYS B 304 11.29 -17.29 9.33
N GLY B 305 10.60 -17.39 10.46
CA GLY B 305 10.29 -16.22 11.24
C GLY B 305 9.20 -15.34 10.67
N ARG B 306 8.32 -15.86 9.81
CA ARG B 306 7.27 -15.08 9.17
C ARG B 306 5.88 -15.57 9.58
N VAL B 307 4.88 -14.68 9.48
CA VAL B 307 3.48 -15.03 9.74
C VAL B 307 2.76 -15.15 8.42
N ASN B 308 2.21 -16.33 8.15
CA ASN B 308 1.38 -16.54 6.98
C ASN B 308 -0.09 -16.71 7.32
N ILE B 309 -0.44 -16.91 8.59
CA ILE B 309 -1.84 -17.12 8.94
C ILE B 309 -2.42 -15.94 9.71
N GLY B 310 -1.70 -14.80 9.76
CA GLY B 310 -2.21 -13.60 10.39
C GLY B 310 -2.20 -13.64 11.91
N ARG B 311 -2.82 -12.61 12.48
CA ARG B 311 -2.91 -12.46 13.94
C ARG B 311 -4.14 -13.22 14.42
N GLU B 312 -3.95 -14.05 15.44
CA GLU B 312 -4.97 -14.99 15.91
C GLU B 312 -5.46 -14.59 17.30
N THR B 313 -6.57 -15.17 17.74
CA THR B 313 -7.16 -14.79 19.02
C THR B 313 -6.80 -15.80 20.09
N PHE B 314 -6.12 -15.33 21.12
CA PHE B 314 -5.67 -16.10 22.28
C PHE B 314 -6.48 -15.65 23.49
N ILE B 315 -6.39 -16.43 24.55
CA ILE B 315 -7.05 -16.12 25.81
C ILE B 315 -6.14 -16.55 26.95
N LEU B 316 -6.20 -15.83 28.08
CA LEU B 316 -5.50 -16.25 29.28
C LEU B 316 -6.33 -15.95 30.50
N PRO B 317 -6.23 -16.78 31.55
CA PRO B 317 -6.83 -16.40 32.83
C PRO B 317 -6.12 -15.19 33.41
N VAL B 318 -6.86 -14.41 34.18
CA VAL B 318 -6.38 -13.15 34.73
C VAL B 318 -6.69 -13.13 36.22
N ASP B 319 -5.70 -12.79 37.03
CA ASP B 319 -5.85 -12.61 38.46
C ASP B 319 -6.04 -11.13 38.73
N TRP B 320 -7.20 -10.76 39.30
CA TRP B 320 -7.42 -9.37 39.68
C TRP B 320 -7.84 -9.27 41.14
N SER B 321 -7.20 -10.07 42.00
CA SER B 321 -7.47 -9.99 43.44
C SER B 321 -6.82 -8.77 44.08
N GLY B 322 -5.87 -8.12 43.40
CA GLY B 322 -5.21 -6.94 43.95
C GLY B 322 -5.50 -5.70 43.15
N GLU B 323 -4.61 -4.71 43.22
CA GLU B 323 -4.89 -3.44 42.56
C GLU B 323 -4.96 -3.60 41.04
N PHE B 324 -4.02 -4.35 40.46
CA PHE B 324 -3.93 -4.41 39.00
C PHE B 324 -4.14 -5.83 38.50
N PRO B 325 -4.74 -6.00 37.33
CA PRO B 325 -4.87 -7.33 36.74
C PRO B 325 -3.52 -7.92 36.36
N VAL B 326 -3.38 -9.22 36.57
CA VAL B 326 -2.18 -9.98 36.20
C VAL B 326 -2.62 -11.05 35.21
N PHE B 327 -2.03 -11.02 34.02
CA PHE B 327 -2.25 -12.11 33.06
C PHE B 327 -1.43 -13.30 33.52
N GLU B 328 -2.10 -14.40 33.86
CA GLU B 328 -1.41 -15.55 34.44
C GLU B 328 -0.45 -16.14 33.42
N ASN B 329 0.84 -16.04 33.72
CA ASN B 329 1.92 -16.47 32.85
C ASN B 329 1.92 -15.69 31.53
N GLY B 330 1.43 -14.46 31.54
CA GLY B 330 1.44 -13.63 30.36
C GLY B 330 2.75 -12.96 30.00
N LEU B 331 3.81 -13.19 30.79
CA LEU B 331 5.13 -12.64 30.53
C LEU B 331 6.17 -13.73 30.32
N ILE B 332 5.76 -15.00 30.24
CA ILE B 332 6.65 -16.12 29.99
C ILE B 332 6.10 -16.81 28.73
N PRO B 333 6.84 -17.72 28.10
CA PRO B 333 6.39 -18.25 26.81
C PRO B 333 5.01 -18.91 26.93
N MET B 334 4.14 -18.57 25.98
CA MET B 334 2.82 -19.17 25.93
C MET B 334 2.88 -20.68 25.81
N GLU B 335 2.03 -21.37 26.59
CA GLU B 335 1.82 -22.81 26.51
C GLU B 335 0.77 -23.15 25.46
N PRO B 336 0.93 -24.29 24.78
CA PRO B 336 -0.12 -24.73 23.84
C PRO B 336 -1.45 -25.03 24.50
N LYS B 337 -1.46 -25.48 25.76
CA LYS B 337 -2.67 -25.94 26.41
C LYS B 337 -2.99 -25.11 27.65
N LEU B 338 -4.29 -24.95 27.92
CA LEU B 338 -4.81 -24.32 29.13
C LEU B 338 -5.82 -25.24 29.77
N LYS B 339 -6.05 -25.05 31.07
CA LYS B 339 -7.15 -25.75 31.72
C LYS B 339 -8.45 -25.04 31.42
N THR B 340 -9.49 -25.81 31.13
CA THR B 340 -10.79 -25.19 30.92
C THR B 340 -11.25 -24.59 32.25
N PRO B 341 -12.10 -23.56 32.20
CA PRO B 341 -12.73 -23.10 33.45
C PRO B 341 -13.38 -24.25 34.18
N ALA B 342 -13.59 -24.10 35.49
CA ALA B 342 -13.99 -25.24 36.30
C ALA B 342 -15.28 -25.87 35.77
N GLY B 343 -15.20 -27.14 35.40
CA GLY B 343 -16.36 -27.90 35.03
C GLY B 343 -16.75 -27.93 33.56
N VAL B 344 -16.03 -27.24 32.67
CA VAL B 344 -16.38 -27.26 31.26
C VAL B 344 -15.52 -28.27 30.53
N GLU B 345 -16.16 -29.08 29.70
CA GLU B 345 -15.48 -30.04 28.87
C GLU B 345 -15.25 -29.45 27.48
N ASN B 346 -14.22 -29.94 26.81
CA ASN B 346 -13.82 -29.43 25.52
C ASN B 346 -14.66 -30.10 24.44
N LYS B 347 -15.50 -29.32 23.75
CA LYS B 347 -16.33 -29.83 22.66
C LYS B 347 -16.01 -29.14 21.34
N THR B 348 -14.80 -28.58 21.20
CA THR B 348 -14.45 -27.87 19.99
C THR B 348 -14.57 -28.79 18.78
N GLY B 349 -15.10 -28.24 17.69
CA GLY B 349 -15.29 -29.00 16.47
C GLY B 349 -16.51 -29.89 16.43
N LYS B 350 -17.25 -30.01 17.54
CA LYS B 350 -18.44 -30.84 17.61
C LYS B 350 -19.70 -29.99 17.73
N ASP B 351 -20.81 -30.52 17.27
CA ASP B 351 -22.12 -29.92 17.55
C ASP B 351 -22.18 -28.47 17.08
N GLY B 352 -21.51 -28.17 15.97
CA GLY B 352 -21.49 -26.82 15.44
C GLY B 352 -20.54 -25.87 16.14
N TYR B 353 -19.73 -26.33 17.09
CA TYR B 353 -18.72 -25.46 17.70
C TYR B 353 -17.53 -25.29 16.77
N PHE B 354 -16.96 -24.08 16.78
CA PHE B 354 -15.76 -23.79 16.01
C PHE B 354 -14.68 -24.83 16.31
N PRO B 355 -13.93 -25.29 15.32
CA PRO B 355 -12.90 -26.30 15.57
C PRO B 355 -11.64 -25.70 16.19
N ASN B 356 -10.73 -26.60 16.56
CA ASN B 356 -9.39 -26.20 17.00
C ASN B 356 -8.48 -27.41 16.84
N GLY B 357 -7.22 -27.26 17.26
CA GLY B 357 -6.25 -28.31 17.05
C GLY B 357 -6.05 -28.61 15.58
N ASN B 358 -5.75 -29.88 15.26
CA ASN B 358 -5.54 -30.35 13.89
C ASN B 358 -6.83 -30.98 13.38
N PHE B 359 -7.64 -30.20 12.67
CA PHE B 359 -8.94 -30.71 12.24
C PHE B 359 -8.97 -30.92 10.73
N THR B 360 -9.98 -31.67 10.29
CA THR B 360 -10.24 -31.93 8.87
C THR B 360 -11.63 -31.42 8.56
N PHE B 361 -11.71 -30.40 7.71
CA PHE B 361 -12.98 -29.82 7.27
C PHE B 361 -13.26 -30.35 5.87
N THR B 362 -14.32 -31.14 5.72
CA THR B 362 -14.73 -31.65 4.42
C THR B 362 -15.97 -30.89 3.99
N GLU B 363 -15.88 -30.12 2.91
CA GLU B 363 -16.99 -29.36 2.39
C GLU B 363 -17.50 -30.04 1.13
N ASN B 364 -18.74 -30.53 1.19
CA ASN B 364 -19.38 -31.15 0.04
C ASN B 364 -20.41 -30.24 -0.62
N PHE B 365 -20.59 -29.02 -0.12
CA PHE B 365 -21.52 -28.06 -0.70
C PHE B 365 -22.91 -28.70 -0.90
N THR B 366 -23.41 -29.31 0.16
CA THR B 366 -24.72 -29.98 0.15
C THR B 366 -25.73 -29.27 1.03
N SER B 367 -25.49 -28.01 1.37
CA SER B 367 -26.45 -27.19 2.07
C SER B 367 -26.40 -25.80 1.45
N PRO B 368 -27.54 -25.14 1.26
CA PRO B 368 -27.48 -23.72 0.86
C PRO B 368 -26.97 -22.83 1.98
N GLN B 369 -26.98 -23.33 3.22
CA GLN B 369 -26.46 -22.64 4.39
C GLN B 369 -24.96 -22.90 4.49
N LEU B 370 -24.18 -22.12 3.74
CA LEU B 370 -22.74 -22.32 3.65
C LEU B 370 -22.05 -21.88 4.93
N ASP B 371 -21.12 -22.72 5.40
CA ASP B 371 -20.30 -22.46 6.59
C ASP B 371 -19.78 -21.03 6.60
N TYR B 372 -19.88 -20.36 7.76
CA TYR B 372 -19.51 -18.95 7.87
C TYR B 372 -18.02 -18.71 7.62
N ARG B 373 -17.19 -19.76 7.64
CA ARG B 373 -15.78 -19.57 7.35
C ARG B 373 -15.51 -19.27 5.89
N TRP B 374 -16.46 -19.61 5.00
CA TRP B 374 -16.33 -19.30 3.59
C TRP B 374 -16.71 -17.83 3.38
N ILE B 375 -15.75 -17.03 2.91
CA ILE B 375 -15.96 -15.60 2.81
C ILE B 375 -15.62 -15.14 1.40
N GLY B 376 -15.95 -13.89 1.11
CA GLY B 376 -15.43 -13.20 -0.05
C GLY B 376 -14.41 -12.16 0.38
N LEU B 377 -13.66 -11.68 -0.59
CA LEU B 377 -12.80 -10.52 -0.43
C LEU B 377 -13.43 -9.38 -1.20
N ARG B 378 -13.77 -8.29 -0.49
CA ARG B 378 -14.32 -7.05 -1.04
C ARG B 378 -15.80 -7.12 -1.42
N GLY B 379 -16.33 -8.32 -1.66
CA GLY B 379 -17.74 -8.47 -2.00
C GLY B 379 -18.34 -9.74 -1.44
N PRO B 380 -19.67 -9.78 -1.29
CA PRO B 380 -20.30 -10.94 -0.65
C PRO B 380 -20.25 -12.19 -1.52
N ARG B 381 -20.07 -13.34 -0.86
CA ARG B 381 -20.00 -14.61 -1.56
C ARG B 381 -21.27 -14.91 -2.36
N GLU B 382 -22.43 -14.43 -1.88
CA GLU B 382 -23.70 -14.75 -2.53
C GLU B 382 -23.75 -14.27 -3.97
N GLU B 383 -22.88 -13.33 -4.35
CA GLU B 383 -22.90 -12.74 -5.69
C GLU B 383 -22.39 -13.68 -6.77
N PHE B 384 -21.66 -14.75 -6.41
CA PHE B 384 -21.04 -15.59 -7.43
C PHE B 384 -21.17 -17.08 -7.17
N ILE B 385 -21.89 -17.52 -6.15
CA ILE B 385 -22.02 -18.94 -5.83
C ILE B 385 -23.44 -19.42 -6.08
N SER B 386 -23.56 -20.67 -6.52
CA SER B 386 -24.81 -21.42 -6.52
C SER B 386 -24.51 -22.82 -6.01
N ILE B 387 -25.32 -23.28 -5.06
CA ILE B 387 -25.22 -24.64 -4.54
C ILE B 387 -26.13 -25.53 -5.37
N LEU B 388 -25.52 -26.49 -6.09
CA LEU B 388 -26.29 -27.29 -7.03
C LEU B 388 -27.24 -28.24 -6.29
N LYS B 389 -28.22 -28.75 -7.05
CA LYS B 389 -29.32 -29.52 -6.46
C LYS B 389 -28.81 -30.74 -5.71
N ASP B 390 -28.01 -31.58 -6.35
CA ASP B 390 -27.43 -32.73 -5.68
C ASP B 390 -25.99 -32.47 -5.24
N GLY B 391 -25.72 -31.26 -4.76
CA GLY B 391 -24.41 -30.95 -4.19
C GLY B 391 -23.43 -30.39 -5.19
N GLY B 392 -22.54 -29.54 -4.68
CA GLY B 392 -21.51 -28.94 -5.51
C GLY B 392 -21.60 -27.42 -5.54
N LEU B 393 -20.47 -26.74 -5.71
CA LEU B 393 -20.43 -25.29 -5.72
C LEU B 393 -20.18 -24.81 -7.15
N GLN B 394 -21.16 -24.18 -7.76
CA GLN B 394 -20.96 -23.59 -9.07
C GLN B 394 -20.58 -22.12 -8.89
N VAL B 395 -19.43 -21.73 -9.41
CA VAL B 395 -18.91 -20.38 -9.27
C VAL B 395 -19.13 -19.66 -10.61
N THR B 396 -19.87 -18.56 -10.56
CA THR B 396 -20.03 -17.71 -11.74
C THR B 396 -18.74 -16.93 -11.96
N PRO B 397 -18.02 -17.14 -13.07
CA PRO B 397 -16.75 -16.44 -13.25
C PRO B 397 -17.01 -14.97 -13.56
N PHE B 398 -16.49 -14.08 -12.69
CA PHE B 398 -16.54 -12.64 -12.93
C PHE B 398 -15.48 -12.26 -13.97
N PRO B 399 -15.75 -11.26 -14.81
CA PRO B 399 -14.69 -10.73 -15.70
C PRO B 399 -13.72 -9.84 -14.93
N VAL B 400 -13.13 -10.42 -13.88
CA VAL B 400 -12.32 -9.69 -12.91
C VAL B 400 -11.09 -10.54 -12.62
N ASN B 401 -9.91 -9.95 -12.82
CA ASN B 401 -8.65 -10.62 -12.58
C ASN B 401 -8.31 -10.55 -11.10
N ILE B 402 -7.60 -11.57 -10.60
CA ILE B 402 -7.16 -11.57 -9.19
C ILE B 402 -6.38 -10.31 -8.82
N LYS B 403 -5.79 -9.62 -9.81
CA LYS B 403 -4.98 -8.43 -9.55
C LYS B 403 -5.79 -7.16 -9.31
N GLU B 404 -7.09 -7.18 -9.59
CA GLU B 404 -7.90 -5.98 -9.48
C GLU B 404 -8.33 -5.69 -8.05
N VAL B 405 -8.44 -4.40 -7.71
CA VAL B 405 -8.99 -3.99 -6.42
C VAL B 405 -10.49 -3.90 -6.62
N LYS B 406 -11.11 -5.07 -6.77
CA LYS B 406 -12.52 -5.25 -7.08
C LYS B 406 -12.94 -6.60 -6.53
N PRO B 407 -14.23 -6.81 -6.28
CA PRO B 407 -14.67 -8.16 -5.91
C PRO B 407 -14.41 -9.15 -7.03
N THR B 408 -13.73 -10.24 -6.69
CA THR B 408 -13.53 -11.36 -7.60
C THR B 408 -14.49 -12.48 -7.23
N SER B 409 -14.68 -13.39 -8.18
CA SER B 409 -15.49 -14.58 -7.93
C SER B 409 -14.56 -15.65 -7.35
N THR B 410 -14.33 -15.54 -6.05
CA THR B 410 -13.42 -16.41 -5.32
C THR B 410 -14.02 -16.68 -3.96
N LEU B 411 -14.21 -17.96 -3.62
CA LEU B 411 -14.68 -18.33 -2.30
C LEU B 411 -13.46 -18.65 -1.43
N PHE B 412 -13.28 -17.86 -0.38
CA PHE B 412 -12.04 -17.84 0.38
C PHE B 412 -12.22 -18.50 1.74
N TYR B 413 -11.13 -19.12 2.21
CA TYR B 413 -11.06 -19.76 3.52
C TYR B 413 -9.73 -19.35 4.15
N ARG B 414 -9.76 -18.82 5.37
CA ARG B 414 -8.51 -18.43 6.03
C ARG B 414 -7.57 -19.62 6.24
N GLN B 415 -6.30 -19.47 5.88
CA GLN B 415 -5.32 -20.46 6.33
C GLN B 415 -5.25 -20.45 7.86
N GLN B 416 -5.43 -21.63 8.49
CA GLN B 416 -5.50 -21.70 9.95
C GLN B 416 -4.38 -22.50 10.58
N HIS B 417 -3.42 -22.99 9.78
CA HIS B 417 -2.32 -23.80 10.26
C HIS B 417 -1.08 -23.44 9.46
N ASN B 418 0.08 -23.53 10.11
CA ASN B 418 1.33 -23.40 9.37
C ASN B 418 1.62 -24.63 8.52
N ASN B 419 1.08 -25.80 8.92
CA ASN B 419 1.16 -27.03 8.14
C ASN B 419 -0.24 -27.45 7.77
N PHE B 420 -0.55 -27.46 6.47
CA PHE B 420 -1.93 -27.69 6.03
C PHE B 420 -1.94 -28.24 4.61
N SER B 421 -3.09 -28.82 4.26
CA SER B 421 -3.41 -29.09 2.86
C SER B 421 -4.83 -28.63 2.58
N PHE B 422 -5.03 -28.15 1.36
CA PHE B 422 -6.32 -27.69 0.86
C PHE B 422 -6.48 -28.32 -0.51
N THR B 423 -7.47 -29.20 -0.66
CA THR B 423 -7.65 -29.98 -1.87
C THR B 423 -9.07 -29.80 -2.35
N THR B 424 -9.25 -29.65 -3.67
CA THR B 424 -10.58 -29.51 -4.22
C THR B 424 -10.68 -30.31 -5.52
N THR B 425 -11.91 -30.72 -5.83
CA THR B 425 -12.22 -31.39 -7.08
C THR B 425 -12.92 -30.39 -8.00
N LEU B 426 -12.35 -30.18 -9.18
CA LEU B 426 -12.80 -29.17 -10.13
C LEU B 426 -13.38 -29.86 -11.36
N ASN B 427 -14.64 -29.59 -11.65
CA ASN B 427 -15.31 -30.06 -12.87
C ASN B 427 -15.50 -28.85 -13.78
N TYR B 428 -14.66 -28.74 -14.80
CA TYR B 428 -14.59 -27.50 -15.56
C TYR B 428 -13.96 -27.74 -16.92
N THR B 429 -14.55 -27.13 -17.94
CA THR B 429 -13.96 -27.10 -19.29
C THR B 429 -13.91 -25.64 -19.72
N PRO B 430 -12.77 -24.97 -19.58
CA PRO B 430 -12.67 -23.56 -20.00
C PRO B 430 -12.83 -23.42 -21.52
N LYS B 431 -13.47 -22.33 -21.94
CA LYS B 431 -13.74 -22.14 -23.36
C LYS B 431 -12.60 -21.40 -24.09
N THR B 432 -11.98 -20.40 -23.45
CA THR B 432 -10.95 -19.59 -24.09
C THR B 432 -9.81 -19.27 -23.12
N GLU B 433 -8.77 -18.62 -23.66
CA GLU B 433 -7.63 -18.13 -22.89
C GLU B 433 -8.04 -17.27 -21.71
N LYS B 434 -9.20 -16.62 -21.82
CA LYS B 434 -9.64 -15.68 -20.81
C LYS B 434 -10.26 -16.38 -19.61
N ASP B 435 -10.46 -17.69 -19.68
CA ASP B 435 -11.15 -18.44 -18.63
C ASP B 435 -10.13 -19.25 -17.86
N LEU B 436 -10.22 -19.17 -16.54
CA LEU B 436 -9.39 -19.95 -15.65
C LEU B 436 -10.21 -20.23 -14.40
N ALA B 437 -10.07 -21.43 -13.86
CA ALA B 437 -10.61 -21.73 -12.54
C ALA B 437 -9.63 -22.62 -11.82
N GLY B 438 -9.58 -22.47 -10.49
CA GLY B 438 -8.69 -23.29 -9.69
C GLY B 438 -8.55 -22.77 -8.28
N ILE B 439 -7.32 -22.82 -7.76
CA ILE B 439 -7.01 -22.42 -6.40
C ILE B 439 -6.15 -21.18 -6.45
N THR B 440 -6.36 -20.28 -5.48
CA THR B 440 -5.43 -19.19 -5.30
C THR B 440 -5.08 -19.09 -3.83
N CYS B 441 -3.86 -18.65 -3.55
CA CYS B 441 -3.42 -18.27 -2.20
C CYS B 441 -3.12 -16.78 -2.24
N VAL B 442 -3.79 -16.02 -1.38
CA VAL B 442 -3.84 -14.56 -1.51
C VAL B 442 -3.45 -13.91 -0.18
N GLN B 443 -2.39 -13.08 -0.22
CA GLN B 443 -2.26 -12.02 0.78
C GLN B 443 -3.07 -10.80 0.33
N SER B 444 -2.86 -10.39 -0.92
CA SER B 444 -3.62 -9.32 -1.53
C SER B 444 -3.62 -9.52 -3.04
N GLU B 445 -4.31 -8.61 -3.74
CA GLU B 445 -4.31 -8.62 -5.18
C GLU B 445 -2.90 -8.47 -5.76
N ASN B 446 -1.95 -7.95 -4.96
CA ASN B 446 -0.58 -7.71 -5.41
C ASN B 446 0.40 -8.81 -4.99
N PHE B 447 -0.02 -9.72 -4.11
CA PHE B 447 0.85 -10.78 -3.57
C PHE B 447 0.00 -12.04 -3.46
N ASN B 448 0.15 -12.96 -4.43
CA ASN B 448 -0.68 -14.15 -4.46
C ASN B 448 -0.07 -15.19 -5.39
N TYR B 449 -0.57 -16.42 -5.26
CA TYR B 449 -0.32 -17.47 -6.25
C TYR B 449 -1.65 -17.86 -6.85
N VAL B 450 -1.65 -18.20 -8.14
CA VAL B 450 -2.84 -18.68 -8.82
C VAL B 450 -2.48 -20.01 -9.47
N PHE B 451 -3.30 -21.03 -9.20
CA PHE B 451 -3.05 -22.42 -9.60
C PHE B 451 -4.34 -22.91 -10.26
N GLY B 452 -4.37 -22.93 -11.60
CA GLY B 452 -5.64 -23.06 -12.26
C GLY B 452 -5.59 -23.75 -13.61
N LEU B 453 -6.78 -24.10 -14.07
CA LEU B 453 -6.99 -24.76 -15.36
C LEU B 453 -7.42 -23.72 -16.39
N MET B 454 -6.74 -23.75 -17.52
CA MET B 454 -6.80 -22.77 -18.59
C MET B 454 -6.95 -23.51 -19.92
N LYS B 455 -7.54 -22.83 -20.91
CA LYS B 455 -7.51 -23.32 -22.30
C LYS B 455 -6.69 -22.37 -23.15
N GLN B 456 -5.77 -22.92 -23.95
CA GLN B 456 -5.02 -22.10 -24.88
C GLN B 456 -4.74 -22.89 -26.15
N ASP B 457 -5.08 -22.28 -27.29
CA ASP B 457 -5.07 -22.93 -28.60
C ASP B 457 -6.06 -24.09 -28.51
N LYS B 458 -5.68 -25.31 -28.83
CA LYS B 458 -6.61 -26.42 -28.79
C LYS B 458 -6.56 -27.17 -27.46
N ASP B 459 -5.67 -26.81 -26.55
CA ASP B 459 -5.33 -27.66 -25.43
C ASP B 459 -5.64 -27.01 -24.09
N PHE B 460 -5.77 -27.86 -23.09
CA PHE B 460 -5.97 -27.45 -21.71
C PHE B 460 -4.65 -27.48 -20.97
N HIS B 461 -4.41 -26.48 -20.13
CA HIS B 461 -3.18 -26.36 -19.37
C HIS B 461 -3.48 -26.08 -17.91
N MET B 462 -2.75 -26.75 -17.00
CA MET B 462 -2.65 -26.28 -15.64
C MET B 462 -1.53 -25.26 -15.56
N VAL B 463 -1.77 -24.16 -14.86
CA VAL B 463 -0.74 -23.12 -14.78
C VAL B 463 -0.52 -22.77 -13.33
N LEU B 464 0.72 -22.41 -13.00
CA LEU B 464 1.06 -21.87 -11.69
C LEU B 464 1.70 -20.51 -11.91
N ALA B 465 1.07 -19.46 -11.39
CA ALA B 465 1.57 -18.11 -11.58
C ALA B 465 1.72 -17.42 -10.23
N LYS B 466 2.71 -16.53 -10.16
CA LYS B 466 3.05 -15.79 -8.95
C LYS B 466 2.87 -14.31 -9.22
N THR B 467 2.15 -13.61 -8.34
CA THR B 467 1.98 -12.17 -8.41
C THR B 467 2.74 -11.54 -7.25
N GLU B 468 3.64 -10.62 -7.57
CA GLU B 468 4.45 -9.94 -6.57
C GLU B 468 4.49 -8.48 -6.94
N LYS B 469 4.10 -7.60 -6.01
CA LYS B 469 3.97 -6.18 -6.31
C LYS B 469 3.06 -5.93 -7.50
N GLY B 470 2.00 -6.73 -7.62
CA GLY B 470 1.04 -6.56 -8.70
C GLY B 470 1.52 -7.01 -10.07
N ASN B 471 2.63 -7.72 -10.14
CA ASN B 471 3.21 -8.23 -11.38
C ASN B 471 3.11 -9.75 -11.40
N THR B 472 2.37 -10.29 -12.36
CA THR B 472 2.13 -11.73 -12.47
C THR B 472 3.12 -12.37 -13.43
N ARG B 473 3.82 -13.41 -12.96
CA ARG B 473 4.75 -14.18 -13.78
C ARG B 473 4.33 -15.65 -13.75
N LEU B 474 4.38 -16.31 -14.90
CA LEU B 474 4.07 -17.73 -14.99
C LEU B 474 5.28 -18.54 -14.54
N LEU B 475 5.09 -19.40 -13.55
CA LEU B 475 6.19 -20.21 -13.05
C LEU B 475 6.29 -21.53 -13.77
N ALA B 476 5.16 -22.16 -14.08
CA ALA B 476 5.19 -23.49 -14.65
C ALA B 476 3.83 -23.75 -15.27
N SER B 477 3.84 -24.66 -16.24
CA SER B 477 2.70 -24.98 -17.08
C SER B 477 2.75 -26.46 -17.42
N ALA B 478 1.58 -27.11 -17.50
CA ALA B 478 1.51 -28.49 -17.97
C ALA B 478 0.25 -28.68 -18.79
N LYS B 479 0.40 -29.29 -19.96
CA LYS B 479 -0.74 -29.72 -20.75
C LYS B 479 -1.41 -30.94 -20.09
N VAL B 480 -2.74 -30.94 -20.03
CA VAL B 480 -3.47 -32.02 -19.38
C VAL B 480 -4.59 -32.50 -20.29
N ASP B 481 -4.78 -33.83 -20.34
CA ASP B 481 -5.95 -34.44 -20.97
C ASP B 481 -7.13 -34.30 -20.01
N MET B 482 -8.07 -33.44 -20.35
CA MET B 482 -9.21 -33.14 -19.47
C MET B 482 -10.33 -34.14 -19.73
N LYS B 483 -10.06 -35.39 -19.36
CA LYS B 483 -11.05 -36.46 -19.59
C LYS B 483 -12.15 -36.45 -18.54
N ASN B 484 -11.80 -36.22 -17.28
CA ASN B 484 -12.75 -36.24 -16.17
C ASN B 484 -12.36 -35.12 -15.19
N PRO B 485 -13.10 -34.90 -14.08
CA PRO B 485 -12.71 -33.82 -13.16
C PRO B 485 -11.27 -33.96 -12.67
N ILE B 486 -10.69 -32.82 -12.33
CA ILE B 486 -9.31 -32.75 -11.87
C ILE B 486 -9.31 -32.32 -10.41
N ARG B 487 -8.40 -32.89 -9.63
CA ARG B 487 -8.21 -32.47 -8.24
C ARG B 487 -7.01 -31.55 -8.15
N LEU B 488 -7.17 -30.46 -7.39
CA LEU B 488 -6.12 -29.48 -7.19
C LEU B 488 -5.83 -29.38 -5.70
N GLN B 489 -4.56 -29.30 -5.35
CA GLN B 489 -4.16 -29.17 -3.95
C GLN B 489 -3.12 -28.09 -3.81
N VAL B 490 -3.21 -27.30 -2.75
CA VAL B 490 -2.06 -26.57 -2.26
C VAL B 490 -1.75 -27.13 -0.89
N LYS B 491 -0.47 -27.41 -0.66
CA LYS B 491 0.01 -27.92 0.61
C LYS B 491 1.07 -26.96 1.13
N GLY B 492 0.90 -26.52 2.37
CA GLY B 492 1.86 -25.67 3.03
C GLY B 492 2.55 -26.43 4.16
N VAL B 493 3.88 -26.39 4.15
CA VAL B 493 4.68 -26.87 5.26
C VAL B 493 5.57 -25.71 5.68
N GLY B 494 5.08 -24.89 6.61
CA GLY B 494 5.78 -23.66 6.92
C GLY B 494 5.88 -22.83 5.64
N ASP B 495 7.09 -22.35 5.36
CA ASP B 495 7.32 -21.54 4.16
C ASP B 495 7.34 -22.34 2.86
N ASN B 496 7.22 -23.66 2.92
CA ASN B 496 7.20 -24.49 1.71
C ASN B 496 5.76 -24.70 1.24
N TYR B 497 5.42 -24.15 0.07
CA TYR B 497 4.12 -24.38 -0.54
C TYR B 497 4.28 -25.21 -1.82
N ASP B 498 3.46 -26.25 -1.94
CA ASP B 498 3.44 -27.15 -3.09
C ASP B 498 2.05 -27.14 -3.72
N PHE B 499 2.00 -26.87 -5.03
CA PHE B 499 0.77 -26.89 -5.81
C PHE B 499 0.79 -28.12 -6.72
N SER B 500 -0.20 -28.99 -6.59
CA SER B 500 -0.18 -30.25 -7.33
C SER B 500 -1.57 -30.57 -7.85
N TYR B 501 -1.62 -31.33 -8.95
CA TYR B 501 -2.87 -31.71 -9.57
C TYR B 501 -2.90 -33.21 -9.79
N SER B 502 -4.11 -33.76 -9.78
CA SER B 502 -4.31 -35.20 -9.93
C SER B 502 -5.39 -35.43 -10.96
N LEU B 503 -5.03 -36.12 -12.03
CA LEU B 503 -6.02 -36.57 -13.01
C LEU B 503 -6.61 -37.93 -12.64
N ASP B 504 -5.90 -38.77 -11.88
CA ASP B 504 -6.49 -40.05 -11.49
C ASP B 504 -7.15 -40.00 -10.13
N GLY B 505 -7.02 -38.90 -9.40
CA GLY B 505 -7.63 -38.77 -8.10
C GLY B 505 -6.75 -39.21 -6.95
N ASN B 506 -5.70 -39.98 -7.21
CA ASN B 506 -4.77 -40.45 -6.18
C ASN B 506 -3.41 -39.80 -6.27
N ASN B 507 -2.78 -39.86 -7.44
CA ASN B 507 -1.41 -39.37 -7.63
C ASN B 507 -1.46 -37.89 -7.94
N PHE B 508 -0.93 -37.07 -7.02
CA PHE B 508 -0.84 -35.63 -7.23
C PHE B 508 0.54 -35.30 -7.78
N VAL B 509 0.57 -34.65 -8.94
CA VAL B 509 1.81 -34.27 -9.63
C VAL B 509 2.14 -32.83 -9.28
N LEU B 510 3.34 -32.58 -8.78
CA LEU B 510 3.75 -31.22 -8.48
C LEU B 510 3.89 -30.42 -9.77
N LEU B 511 3.30 -29.23 -9.81
CA LEU B 511 3.50 -28.33 -10.94
C LEU B 511 4.61 -27.35 -10.58
N GLY B 512 5.71 -27.39 -11.33
CA GLY B 512 6.87 -26.61 -10.96
C GLY B 512 7.63 -27.25 -9.81
N ASN B 513 8.21 -26.42 -8.97
CA ASN B 513 8.88 -26.85 -7.75
C ASN B 513 8.07 -26.34 -6.57
N THR B 514 8.45 -26.73 -5.35
CA THR B 514 7.85 -26.05 -4.24
C THR B 514 8.27 -24.58 -4.28
N VAL B 515 7.35 -23.70 -3.89
CA VAL B 515 7.56 -22.27 -3.95
C VAL B 515 7.52 -21.73 -2.53
N SER B 516 8.08 -20.54 -2.34
CA SER B 516 8.14 -19.95 -1.02
C SER B 516 6.81 -19.29 -0.64
N GLY B 517 6.45 -19.45 0.63
CA GLY B 517 5.36 -18.68 1.19
C GLY B 517 5.69 -17.25 1.54
N ASP B 518 6.86 -16.75 1.12
CA ASP B 518 7.26 -15.39 1.52
C ASP B 518 6.21 -14.36 1.10
N ILE B 519 5.70 -14.43 -0.12
CA ILE B 519 4.71 -13.45 -0.58
C ILE B 519 3.35 -13.68 0.05
N LEU B 520 3.17 -14.78 0.77
CA LEU B 520 1.94 -15.02 1.51
C LEU B 520 2.07 -14.61 2.97
N SER B 521 3.16 -13.94 3.33
CA SER B 521 3.38 -13.46 4.69
C SER B 521 3.06 -11.98 4.82
N THR B 522 2.65 -11.58 6.02
CA THR B 522 2.56 -10.15 6.33
C THR B 522 3.93 -9.48 6.25
N ASN B 523 4.98 -10.22 6.59
CA ASN B 523 6.32 -9.63 6.64
C ASN B 523 6.74 -9.11 5.28
N VAL B 524 6.36 -9.78 4.19
CA VAL B 524 6.74 -9.37 2.85
C VAL B 524 5.63 -8.54 2.19
N ALA B 525 4.39 -8.99 2.26
CA ALA B 525 3.33 -8.28 1.56
C ALA B 525 2.85 -7.04 2.31
N GLY B 526 3.25 -6.88 3.56
CA GLY B 526 2.71 -5.82 4.40
C GLY B 526 1.28 -6.15 4.80
N GLY B 527 0.69 -5.23 5.54
CA GLY B 527 -0.72 -5.29 5.82
C GLY B 527 -1.07 -5.87 7.19
N PHE B 528 -2.32 -6.34 7.28
CA PHE B 528 -2.97 -6.66 8.55
C PHE B 528 -3.63 -8.04 8.57
N THR B 529 -3.38 -8.89 7.58
CA THR B 529 -4.22 -10.07 7.39
C THR B 529 -3.34 -11.29 7.11
N GLY B 530 -4.01 -12.45 6.93
CA GLY B 530 -3.33 -13.70 6.69
C GLY B 530 -3.52 -14.17 5.25
N CYS B 531 -2.91 -15.33 4.97
CA CYS B 531 -3.12 -15.96 3.68
C CYS B 531 -4.55 -16.47 3.57
N LEU B 532 -5.21 -16.12 2.47
CA LEU B 532 -6.56 -16.60 2.17
C LEU B 532 -6.44 -17.63 1.06
N ILE B 533 -7.08 -18.80 1.25
CA ILE B 533 -7.05 -19.85 0.24
C ILE B 533 -8.42 -19.85 -0.45
N GLY B 534 -8.42 -19.75 -1.76
CA GLY B 534 -9.65 -19.46 -2.49
C GLY B 534 -9.95 -20.42 -3.63
N LEU B 535 -11.24 -20.71 -3.81
CA LEU B 535 -11.75 -21.35 -5.00
C LEU B 535 -12.02 -20.24 -6.01
N HIS B 536 -11.16 -20.09 -7.01
CA HIS B 536 -11.15 -18.93 -7.89
C HIS B 536 -11.68 -19.28 -9.28
N ALA B 537 -12.52 -18.39 -9.83
CA ALA B 537 -12.86 -18.43 -11.24
C ALA B 537 -12.75 -17.02 -11.82
N THR B 538 -12.33 -16.93 -13.08
CA THR B 538 -12.31 -15.65 -13.77
C THR B 538 -12.59 -15.86 -15.25
N SER B 539 -13.19 -14.84 -15.87
CA SER B 539 -13.24 -14.75 -17.32
C SER B 539 -12.37 -13.60 -17.84
N ALA B 540 -11.45 -13.10 -17.02
CA ALA B 540 -10.46 -12.12 -17.44
C ALA B 540 -9.06 -12.63 -17.10
N ASN B 541 -8.83 -13.91 -17.35
CA ASN B 541 -7.50 -14.49 -17.13
C ASN B 541 -6.50 -13.86 -18.09
N ASP B 542 -5.32 -13.51 -17.57
CA ASP B 542 -4.26 -12.95 -18.39
C ASP B 542 -3.05 -13.86 -18.50
N ILE B 543 -3.07 -15.03 -17.83
CA ILE B 543 -1.95 -15.96 -17.95
C ILE B 543 -1.95 -16.59 -19.33
N ARG B 544 -0.78 -16.64 -19.94
CA ARG B 544 -0.64 -17.31 -21.24
C ARG B 544 0.52 -18.29 -21.16
N VAL B 545 0.38 -19.43 -21.83
CA VAL B 545 1.39 -20.49 -21.78
C VAL B 545 2.67 -20.10 -22.51
O1 MES C . -10.20 36.50 -4.55
C2 MES C . -10.32 37.12 -3.28
C3 MES C . -10.74 38.58 -3.43
N4 MES C . -9.89 39.28 -4.41
C5 MES C . -9.58 38.57 -5.64
C6 MES C . -9.18 37.12 -5.32
C7 MES C . -10.24 40.71 -4.58
C8 MES C . -9.20 41.42 -5.44
S MES C . -9.68 43.01 -5.76
O1S MES C . -9.95 43.67 -4.46
O2S MES C . -8.60 43.66 -6.52
O3S MES C . -10.94 42.99 -6.57
O1 MES D . 5.68 33.62 -21.44
C2 MES D . 7.04 33.17 -21.49
C3 MES D . 7.09 31.65 -21.71
N4 MES D . 6.25 30.96 -20.73
C5 MES D . 4.92 31.52 -20.47
C6 MES D . 4.98 33.04 -20.36
C7 MES D . 6.30 29.50 -20.89
C8 MES D . 5.61 28.80 -19.72
S MES D . 5.60 27.13 -19.98
O1S MES D . 6.96 26.69 -20.32
O2S MES D . 5.13 26.51 -18.73
O3S MES D . 4.70 26.85 -21.11
O1 MES E . 13.72 -13.89 -14.79
C2 MES E . 14.38 -14.51 -13.70
C3 MES E . 13.36 -15.26 -12.84
N4 MES E . 12.22 -14.40 -12.54
C5 MES E . 11.64 -13.57 -13.59
C6 MES E . 12.78 -12.92 -14.37
C7 MES E . 11.27 -15.04 -11.60
C8 MES E . 10.43 -13.97 -10.92
S MES E . 9.29 -14.72 -9.98
O1S MES E . 9.87 -15.25 -8.72
O2S MES E . 8.21 -13.76 -9.64
O3S MES E . 8.71 -15.82 -10.76
O1 MES F . -15.47 13.63 13.09
C2 MES F . -14.37 14.44 13.48
C3 MES F . -13.79 15.13 12.26
N4 MES F . -13.50 14.15 11.22
C5 MES F . -14.52 13.17 10.89
C6 MES F . -15.09 12.59 12.19
C7 MES F . -12.77 14.72 10.10
C8 MES F . -11.95 13.63 9.42
S MES F . -11.27 14.26 8.03
O1S MES F . -10.40 15.42 8.35
O2S MES F . -10.48 13.21 7.33
O3S MES F . -12.38 14.70 7.15
#